data_4FQI
#
_entry.id   4FQI
#
_cell.length_a   141.641
_cell.length_b   141.641
_cell.length_c   382.924
_cell.angle_alpha   90.00
_cell.angle_beta   90.00
_cell.angle_gamma   120.00
#
_symmetry.space_group_name_H-M   'H 3 2'
#
loop_
_entity.id
_entity.type
_entity.pdbx_description
1 polymer 'Hemagglutinin HA1'
2 polymer 'Hemagglutinin HA2'
3 polymer 'antibody CR9114 heavy chain'
4 polymer 'antibody CR9114 light chain'
5 branched 2-acetamido-2-deoxy-beta-D-glucopyranose-(1-4)-2-acetamido-2-deoxy-beta-D-glucopyranose
6 non-polymer 1,2-ETHANEDIOL
7 non-polymer 2-acetamido-2-deoxy-beta-D-glucopyranose
8 non-polymer GLYCEROL
9 water water
#
loop_
_entity_poly.entity_id
_entity_poly.type
_entity_poly.pdbx_seq_one_letter_code
_entity_poly.pdbx_strand_id
1 'polypeptide(L)'
;ADPGDQICIGYHANNSTEQVDTIMEKNVTVTHAQDILEKKHNGKLCDLDGVKPLILRDCSVAGWLLGNPMCDEFINVPEW
SYIVEKANPVNDLCYPGDFNDYEELKHLLSRINHFEKIQIIPKSSWSSHEASLGVSSACPYQGKSSFFRNVVWLIKKNST
YPTIKRSYNNTNQEDLLVLWGIHHPNDAAEQTKLYQNPTTYISVGTSTLNQRLVPRIATRSKVNGQSGRMEFFWTILKPN
DAINFESNGNFIAPEYAYKIVKKGDSTIMKSELEYGNCNTKCQTPMGAINSSMPFHNIHPLTIGECPKYVKSNRLVLATG
LRNSPQRERRRKKR
;
A
2 'polypeptide(L)'
;GLFGAIAGFIEGGWQGMVDGWYGYHHSNEQGSGYAADKESTQKAIDGVTNKVNSIIDKMNTQFEAVGREFNNLERRIENL
NKKMEDGFLDVWTYNAELLVLMENERTLDFHDSNVKNLYDKVRLQLRDNAKELGNGCFEFYHKCDNECMESVRNGTYDYP
QYSEEARLKREEISSGR
;
B
3 'polypeptide(L)'
;QVQLVQSGAEVKKPGSSVKVSCKSSGGTSNNYAISWVRQAPGQGLDWMGGISPIFGSTAYAQKFQGRVTISADIFSNTAY
MELNSLTSEDTAVYFCARHGNYYYYSGMDVWGQGTTVTVSSASTKGPSVFPLAPSSKSTSGGTAALGCLVKDYFPEPVTV
SWNSGALTSGVHTFPAVLQSSGLYSLSSVVTVPSSSLGTQTYICNVNHKPSNTKVDKRVEPKSCHHHHHH
;
H
4 'polypeptide(L)'
;QSALTQPPAVSGTPGQRVTISCSGSDSNIGRRSVNWYQQFPGTAPKLLIYSNDQRPSVVPDRFSGSKSGTSASLAISGLQ
SEDEAEYYCAAWDDSLKGAVFGGGTQLTVLGQPKAAPSVTLFPPSSEELQANKATLVCLISDFYPGAVTVAWKADSSPVK
AGVETTTPSKQSNNKYAASSYLSLTPEQWKSHRSYSCQVTHEGSTVEKTVAPTECS
;
L
#
# COMPACT_ATOMS: atom_id res chain seq x y z
N ASP A 2 8.58 -55.47 -29.04
CA ASP A 2 7.80 -54.97 -27.90
C ASP A 2 8.02 -53.48 -27.71
N PRO A 3 6.93 -52.73 -27.42
CA PRO A 3 6.95 -51.26 -27.43
C PRO A 3 7.95 -50.74 -26.41
N GLY A 4 8.68 -49.72 -26.80
CA GLY A 4 9.74 -49.25 -25.94
C GLY A 4 9.25 -48.15 -25.00
N ASP A 5 10.12 -47.75 -24.11
CA ASP A 5 9.82 -46.63 -23.21
C ASP A 5 9.65 -45.37 -24.12
N GLN A 6 8.94 -44.35 -23.62
CA GLN A 6 8.72 -43.13 -24.41
C GLN A 6 8.99 -41.88 -23.59
N ILE A 7 9.43 -40.82 -24.28
CA ILE A 7 9.28 -39.47 -23.66
C ILE A 7 8.62 -38.57 -24.67
N CYS A 8 7.74 -37.68 -24.20
CA CYS A 8 7.02 -36.80 -25.10
C CYS A 8 7.27 -35.37 -24.63
N ILE A 9 7.22 -34.44 -25.59
CA ILE A 9 7.33 -33.01 -25.30
C ILE A 9 5.96 -32.38 -25.49
N GLY A 10 5.55 -31.50 -24.56
CA GLY A 10 4.23 -30.91 -24.70
C GLY A 10 4.19 -29.59 -23.93
N TYR A 11 3.00 -29.03 -23.78
CA TYR A 11 2.90 -27.66 -23.26
C TYR A 11 1.60 -27.52 -22.51
N HIS A 12 1.56 -26.49 -21.68
CA HIS A 12 0.41 -26.25 -20.77
C HIS A 12 -0.89 -25.92 -21.47
N ALA A 13 -2.00 -26.51 -20.99
CA ALA A 13 -3.35 -26.16 -21.45
C ALA A 13 -4.20 -26.06 -20.18
N ASN A 14 -5.30 -25.32 -20.29
CA ASN A 14 -6.20 -25.21 -19.14
C ASN A 14 -7.61 -24.91 -19.61
N ASN A 15 -8.50 -24.50 -18.69
CA ASN A 15 -9.86 -24.25 -19.13
C ASN A 15 -10.20 -22.79 -19.35
N SER A 16 -9.18 -21.98 -19.52
CA SER A 16 -9.37 -20.55 -19.75
C SER A 16 -10.15 -20.29 -21.01
N THR A 17 -11.05 -19.32 -20.93
CA THR A 17 -11.71 -18.83 -22.14
C THR A 17 -11.33 -17.38 -22.42
N GLU A 18 -10.31 -16.87 -21.77
CA GLU A 18 -9.84 -15.52 -22.03
C GLU A 18 -9.29 -15.39 -23.45
N GLN A 19 -9.54 -14.25 -24.10
CA GLN A 19 -9.11 -14.10 -25.49
C GLN A 19 -8.27 -12.83 -25.67
N VAL A 20 -7.36 -12.89 -26.64
CA VAL A 20 -6.65 -11.67 -27.02
C VAL A 20 -6.67 -11.51 -28.55
N ASP A 21 -6.30 -10.32 -29.00
CA ASP A 21 -6.19 -10.08 -30.46
C ASP A 21 -4.72 -9.88 -30.87
N THR A 22 -4.43 -10.27 -32.13
CA THR A 22 -3.13 -10.04 -32.70
C THR A 22 -3.35 -9.29 -34.03
N ILE A 23 -2.29 -9.07 -34.79
CA ILE A 23 -2.46 -8.43 -36.08
C ILE A 23 -3.20 -9.35 -37.08
N MET A 24 -2.83 -10.64 -37.10
CA MET A 24 -3.38 -11.57 -38.11
C MET A 24 -4.61 -12.32 -37.65
N GLU A 25 -4.93 -12.26 -36.36
N GLU A 25 -4.93 -12.29 -36.36
CA GLU A 25 -5.98 -13.10 -35.80
CA GLU A 25 -6.05 -13.11 -35.87
C GLU A 25 -6.74 -12.30 -34.77
C GLU A 25 -6.71 -12.53 -34.64
N LYS A 26 -8.05 -12.53 -34.62
CA LYS A 26 -8.78 -11.94 -33.51
C LYS A 26 -9.38 -13.04 -32.62
N ASN A 27 -9.64 -12.69 -31.36
CA ASN A 27 -10.37 -13.59 -30.43
C ASN A 27 -9.65 -14.91 -30.28
N VAL A 28 -8.34 -14.81 -30.06
CA VAL A 28 -7.54 -16.00 -29.82
C VAL A 28 -7.63 -16.41 -28.36
N THR A 29 -8.11 -17.63 -28.11
CA THR A 29 -8.19 -18.09 -26.74
C THR A 29 -6.80 -18.45 -26.18
N VAL A 30 -6.49 -17.94 -24.99
CA VAL A 30 -5.17 -18.19 -24.37
C VAL A 30 -5.28 -18.69 -22.93
N THR A 31 -4.23 -19.30 -22.40
CA THR A 31 -4.22 -19.87 -21.09
C THR A 31 -4.32 -18.80 -20.04
N HIS A 32 -3.71 -17.64 -20.29
CA HIS A 32 -3.54 -16.59 -19.28
CA HIS A 32 -3.81 -16.54 -19.33
C HIS A 32 -3.40 -15.27 -20.05
N ALA A 33 -3.96 -14.17 -19.56
CA ALA A 33 -3.71 -12.87 -20.20
C ALA A 33 -3.81 -11.80 -19.15
N GLN A 34 -3.42 -10.58 -19.53
N GLN A 34 -3.43 -10.57 -19.52
CA GLN A 34 -3.43 -9.45 -18.60
CA GLN A 34 -3.44 -9.46 -18.57
C GLN A 34 -4.21 -8.27 -19.20
C GLN A 34 -4.17 -8.24 -19.14
N ASP A 35 -5.33 -7.92 -18.56
CA ASP A 35 -6.04 -6.69 -18.95
C ASP A 35 -5.17 -5.49 -18.47
N ILE A 36 -5.00 -4.45 -19.31
CA ILE A 36 -4.16 -3.31 -18.90
C ILE A 36 -4.93 -2.00 -18.97
N LEU A 37 -6.24 -2.09 -19.11
CA LEU A 37 -7.10 -0.87 -19.29
C LEU A 37 -8.15 -0.75 -18.17
N GLU A 38 -8.09 0.33 -17.42
CA GLU A 38 -9.09 0.59 -16.35
C GLU A 38 -10.32 1.19 -17.01
N LYS A 39 -11.49 0.60 -16.79
CA LYS A 39 -12.70 1.08 -17.39
C LYS A 39 -13.70 1.55 -16.32
N LYS A 40 -13.35 1.44 -15.05
CA LYS A 40 -14.34 1.83 -14.01
C LYS A 40 -13.97 3.07 -13.27
N HIS A 41 -14.99 3.77 -12.75
CA HIS A 41 -14.73 4.92 -11.87
C HIS A 41 -15.87 4.94 -10.87
N ASN A 42 -15.77 5.77 -9.82
CA ASN A 42 -16.81 5.74 -8.75
C ASN A 42 -17.93 6.77 -8.91
N GLY A 43 -17.91 7.57 -9.97
CA GLY A 43 -18.99 8.50 -10.24
C GLY A 43 -19.09 9.66 -9.24
N LYS A 44 -18.07 9.87 -8.44
CA LYS A 44 -18.16 10.97 -7.43
C LYS A 44 -16.98 11.91 -7.59
N LEU A 45 -17.14 13.11 -7.05
CA LEU A 45 -16.03 14.03 -6.90
C LEU A 45 -15.43 13.93 -5.52
N CYS A 46 -14.15 13.62 -5.44
CA CYS A 46 -13.52 13.28 -4.14
C CYS A 46 -12.44 14.25 -3.68
N ASP A 47 -12.02 14.14 -2.41
CA ASP A 47 -10.81 14.76 -1.97
C ASP A 47 -9.65 14.17 -2.77
N LEU A 48 -8.65 14.98 -3.05
CA LEU A 48 -7.46 14.54 -3.75
C LEU A 48 -6.35 14.45 -2.69
N ASP A 49 -5.99 13.21 -2.37
CA ASP A 49 -4.95 12.92 -1.35
CA ASP A 49 -4.96 12.92 -1.35
C ASP A 49 -5.25 13.70 -0.06
N GLY A 50 -6.49 13.66 0.35
CA GLY A 50 -6.89 14.23 1.63
C GLY A 50 -7.29 15.70 1.59
N VAL A 51 -7.16 16.35 0.43
CA VAL A 51 -7.50 17.76 0.33
C VAL A 51 -8.78 17.99 -0.48
N LYS A 52 -9.78 18.64 0.11
CA LYS A 52 -11.08 18.73 -0.51
C LYS A 52 -11.07 19.72 -1.65
N PRO A 53 -11.76 19.41 -2.74
CA PRO A 53 -11.90 20.43 -3.78
C PRO A 53 -12.78 21.61 -3.37
N LEU A 54 -12.61 22.73 -4.06
CA LEU A 54 -13.56 23.84 -3.97
C LEU A 54 -14.64 23.57 -5.01
N ILE A 55 -15.85 23.27 -4.55
CA ILE A 55 -16.93 22.95 -5.47
C ILE A 55 -17.86 24.15 -5.50
N LEU A 56 -17.87 24.88 -6.60
CA LEU A 56 -18.59 26.13 -6.65
C LEU A 56 -20.12 26.01 -6.77
N ARG A 57 -20.66 24.79 -6.94
CA ARG A 57 -22.14 24.65 -7.00
C ARG A 57 -22.75 25.51 -8.09
N ASP A 58 -23.62 26.48 -7.77
CA ASP A 58 -24.22 27.27 -8.84
C ASP A 58 -23.54 28.59 -9.13
N CYS A 59 -22.34 28.74 -8.56
CA CYS A 59 -21.57 29.95 -8.71
C CYS A 59 -20.43 29.80 -9.73
N SER A 60 -20.17 30.87 -10.47
CA SER A 60 -19.00 30.94 -11.35
C SER A 60 -17.77 31.44 -10.60
N VAL A 61 -16.61 31.25 -11.19
CA VAL A 61 -15.44 31.93 -10.62
C VAL A 61 -15.62 33.46 -10.41
N ALA A 62 -16.21 34.15 -11.39
CA ALA A 62 -16.46 35.58 -11.30
C ALA A 62 -17.41 35.84 -10.08
N GLY A 63 -18.43 35.01 -9.96
CA GLY A 63 -19.38 35.19 -8.86
C GLY A 63 -18.73 35.03 -7.51
N TRP A 64 -17.88 34.02 -7.41
CA TRP A 64 -17.08 33.81 -6.20
C TRP A 64 -16.17 35.00 -5.90
N LEU A 65 -15.29 35.35 -6.87
CA LEU A 65 -14.27 36.34 -6.53
C LEU A 65 -14.80 37.77 -6.37
N LEU A 66 -15.83 38.15 -7.12
CA LEU A 66 -16.37 39.50 -6.95
C LEU A 66 -17.34 39.51 -5.75
N GLY A 67 -17.82 38.34 -5.38
CA GLY A 67 -18.76 38.21 -4.26
C GLY A 67 -20.22 38.47 -4.57
N ASN A 68 -20.72 37.87 -5.65
CA ASN A 68 -22.16 37.84 -5.94
C ASN A 68 -22.86 37.36 -4.67
N PRO A 69 -23.90 38.11 -4.22
CA PRO A 69 -24.37 37.79 -2.88
C PRO A 69 -25.10 36.44 -2.82
N MET A 70 -25.45 35.88 -3.97
CA MET A 70 -25.95 34.49 -4.00
C MET A 70 -24.80 33.49 -3.75
N CYS A 71 -23.54 33.97 -3.77
CA CYS A 71 -22.38 33.09 -3.59
C CYS A 71 -21.82 33.13 -2.18
N ASP A 72 -22.69 33.37 -1.18
CA ASP A 72 -22.15 33.59 0.16
C ASP A 72 -21.55 32.33 0.78
N GLU A 73 -21.82 31.15 0.21
CA GLU A 73 -21.10 29.97 0.68
C GLU A 73 -19.56 30.15 0.57
N PHE A 74 -19.16 31.03 -0.33
CA PHE A 74 -17.74 31.14 -0.71
C PHE A 74 -17.12 32.44 -0.24
N ILE A 75 -17.69 33.02 0.81
CA ILE A 75 -17.19 34.32 1.29
C ILE A 75 -15.75 34.21 1.76
N ASN A 76 -15.43 33.09 2.41
CA ASN A 76 -14.05 32.69 2.67
C ASN A 76 -14.00 31.21 2.41
N VAL A 77 -13.00 30.76 1.63
CA VAL A 77 -12.91 29.33 1.33
C VAL A 77 -11.58 28.80 1.77
N PRO A 78 -11.58 27.55 2.29
CA PRO A 78 -10.33 26.98 2.76
C PRO A 78 -9.45 26.49 1.60
N GLU A 79 -8.23 26.07 1.88
CA GLU A 79 -7.30 25.59 0.86
C GLU A 79 -7.98 24.46 0.05
N TRP A 80 -7.80 24.44 -1.26
CA TRP A 80 -8.47 23.41 -2.09
C TRP A 80 -7.40 22.65 -2.90
N SER A 81 -7.79 21.51 -3.42
CA SER A 81 -6.94 20.70 -4.30
C SER A 81 -7.21 20.96 -5.80
N TYR A 82 -8.48 21.09 -6.17
CA TYR A 82 -8.89 21.49 -7.51
C TYR A 82 -10.19 22.22 -7.35
N ILE A 83 -10.61 22.92 -8.40
CA ILE A 83 -11.87 23.65 -8.36
C ILE A 83 -12.82 23.02 -9.33
N VAL A 84 -14.09 22.93 -8.93
CA VAL A 84 -15.12 22.41 -9.83
C VAL A 84 -16.15 23.45 -10.15
N GLU A 85 -16.34 23.69 -11.45
CA GLU A 85 -17.29 24.70 -11.87
C GLU A 85 -18.27 24.06 -12.82
N LYS A 86 -19.55 24.41 -12.71
CA LYS A 86 -20.51 23.89 -13.70
C LYS A 86 -20.33 24.50 -15.08
N ALA A 87 -20.90 23.88 -16.12
CA ALA A 87 -20.75 24.43 -17.47
C ALA A 87 -21.32 25.83 -17.62
N ASN A 88 -22.48 26.05 -17.02
CA ASN A 88 -23.16 27.34 -17.11
C ASN A 88 -23.75 27.70 -15.74
N PRO A 89 -22.88 28.12 -14.81
CA PRO A 89 -23.37 28.51 -13.46
C PRO A 89 -24.39 29.64 -13.51
N VAL A 90 -25.47 29.54 -12.74
CA VAL A 90 -26.50 30.56 -12.79
C VAL A 90 -26.13 31.84 -12.03
N ASN A 91 -25.25 31.73 -11.04
CA ASN A 91 -24.81 32.91 -10.27
C ASN A 91 -23.44 33.39 -10.73
N ASP A 92 -23.45 34.43 -11.55
CA ASP A 92 -22.25 34.90 -12.23
C ASP A 92 -22.23 36.38 -12.06
N LEU A 93 -22.40 37.16 -13.13
CA LEU A 93 -22.42 38.60 -12.99
C LEU A 93 -23.91 39.02 -12.77
N CYS A 94 -24.32 39.11 -11.51
CA CYS A 94 -25.73 39.48 -11.24
C CYS A 94 -26.13 40.81 -11.88
N TYR A 95 -25.31 41.83 -11.70
CA TYR A 95 -25.46 43.06 -12.46
C TYR A 95 -24.65 42.80 -13.71
N PRO A 96 -25.30 42.91 -14.88
CA PRO A 96 -24.65 42.43 -16.11
C PRO A 96 -23.43 43.24 -16.50
N GLY A 97 -22.53 42.64 -17.32
CA GLY A 97 -21.38 43.41 -17.77
C GLY A 97 -20.35 42.40 -18.25
N ASP A 98 -19.09 42.65 -17.95
CA ASP A 98 -18.02 41.75 -18.45
C ASP A 98 -16.85 41.77 -17.47
N PHE A 99 -15.97 40.77 -17.53
CA PHE A 99 -14.86 40.74 -16.62
C PHE A 99 -13.69 40.64 -17.55
N ASN A 100 -12.86 41.67 -17.56
CA ASN A 100 -11.75 41.78 -18.51
C ASN A 100 -10.69 40.68 -18.28
N ASP A 101 -10.13 40.14 -19.38
CA ASP A 101 -9.16 39.03 -19.24
C ASP A 101 -9.54 37.90 -18.27
N TYR A 102 -10.80 37.50 -18.34
CA TYR A 102 -11.30 36.52 -17.41
C TYR A 102 -10.60 35.19 -17.59
N GLU A 103 -10.37 34.77 -18.85
CA GLU A 103 -9.82 33.43 -19.03
C GLU A 103 -8.41 33.40 -18.53
N GLU A 104 -7.69 34.50 -18.74
CA GLU A 104 -6.32 34.59 -18.20
C GLU A 104 -6.31 34.52 -16.66
N LEU A 105 -7.33 35.12 -16.03
CA LEU A 105 -7.40 35.00 -14.56
C LEU A 105 -7.70 33.55 -14.17
N LYS A 106 -8.57 32.89 -14.91
CA LYS A 106 -8.91 31.52 -14.58
C LYS A 106 -7.66 30.63 -14.75
N HIS A 107 -6.84 30.96 -15.73
CA HIS A 107 -5.56 30.26 -15.88
C HIS A 107 -4.65 30.43 -14.66
N LEU A 108 -4.55 31.65 -14.14
CA LEU A 108 -3.75 31.89 -12.94
CA LEU A 108 -3.77 31.91 -12.93
C LEU A 108 -4.29 31.07 -11.76
N LEU A 109 -5.61 31.03 -11.65
CA LEU A 109 -6.24 30.30 -10.58
C LEU A 109 -5.91 28.84 -10.61
N SER A 110 -5.56 28.34 -11.81
CA SER A 110 -5.24 26.96 -11.98
C SER A 110 -3.90 26.55 -11.37
N ARG A 111 -3.09 27.53 -10.91
CA ARG A 111 -1.88 27.28 -10.16
C ARG A 111 -1.90 27.82 -8.72
N ILE A 112 -3.10 28.13 -8.21
CA ILE A 112 -3.23 28.66 -6.81
C ILE A 112 -4.07 27.64 -6.00
N ASN A 113 -3.72 27.40 -4.71
CA ASN A 113 -4.51 26.43 -3.96
C ASN A 113 -5.19 27.13 -2.75
N HIS A 114 -4.80 28.34 -2.44
CA HIS A 114 -5.44 29.03 -1.27
C HIS A 114 -5.22 30.52 -1.32
N PHE A 115 -6.57 31.35 -1.11
CA PHE A 115 -6.35 32.77 -0.78
C PHE A 115 -6.43 33.03 0.70
N GLU A 116 -5.97 34.23 1.15
CA GLU A 116 -6.57 34.85 2.37
C GLU A 116 -7.16 36.14 1.87
N LYS A 117 -8.47 36.27 1.99
CA LYS A 117 -9.14 37.49 1.58
CA LYS A 117 -9.15 37.50 1.57
C LYS A 117 -8.85 38.60 2.61
N ILE A 118 -8.37 39.75 2.17
CA ILE A 118 -7.97 40.78 3.14
C ILE A 118 -8.66 42.08 2.79
N GLN A 119 -9.00 42.88 3.81
CA GLN A 119 -9.57 44.16 3.50
C GLN A 119 -8.46 45.13 3.12
N ILE A 120 -8.52 45.73 1.92
CA ILE A 120 -7.53 46.77 1.53
C ILE A 120 -8.04 48.19 1.55
N ILE A 121 -9.34 48.41 1.39
CA ILE A 121 -9.92 49.76 1.56
C ILE A 121 -11.25 49.62 2.32
N PRO A 122 -11.28 50.04 3.58
CA PRO A 122 -12.54 49.87 4.36
C PRO A 122 -13.72 50.62 3.75
N LYS A 123 -14.88 49.98 3.70
CA LYS A 123 -16.09 50.56 3.17
C LYS A 123 -16.45 51.78 4.03
N SER A 124 -15.99 51.76 5.28
CA SER A 124 -16.32 52.87 6.20
C SER A 124 -15.48 54.12 5.98
N SER A 125 -14.48 54.05 5.10
CA SER A 125 -13.49 55.11 4.93
C SER A 125 -13.82 56.12 3.85
N TRP A 126 -14.96 55.99 3.21
CA TRP A 126 -15.36 56.88 2.13
C TRP A 126 -16.08 58.11 2.68
N SER A 127 -15.31 59.04 3.22
CA SER A 127 -15.96 60.11 3.98
C SER A 127 -16.60 61.20 3.12
N SER A 128 -16.29 61.21 1.82
CA SER A 128 -16.82 62.22 0.90
C SER A 128 -17.75 61.66 -0.18
N HIS A 129 -18.09 60.37 -0.10
CA HIS A 129 -18.96 59.74 -1.11
C HIS A 129 -19.96 58.88 -0.38
N GLU A 130 -21.04 58.48 -1.03
CA GLU A 130 -21.93 57.53 -0.37
C GLU A 130 -21.45 56.13 -0.69
N ALA A 131 -21.27 55.31 0.34
CA ALA A 131 -20.79 53.94 0.10
C ALA A 131 -21.85 52.88 0.29
N SER A 132 -23.06 53.28 0.71
CA SER A 132 -24.05 52.25 1.02
C SER A 132 -25.29 52.37 0.18
N LEU A 133 -25.20 53.13 -0.90
CA LEU A 133 -26.34 53.26 -1.79
C LEU A 133 -26.18 52.50 -3.12
N GLY A 134 -25.04 51.83 -3.28
CA GLY A 134 -24.74 51.19 -4.55
C GLY A 134 -25.31 49.81 -4.59
N VAL A 135 -26.64 49.70 -4.63
CA VAL A 135 -27.32 48.39 -4.66
C VAL A 135 -28.29 48.32 -5.82
N SER A 136 -28.74 47.11 -6.15
CA SER A 136 -29.54 46.94 -7.31
C SER A 136 -30.45 45.72 -7.20
N SER A 137 -31.63 45.85 -7.79
CA SER A 137 -32.59 44.75 -7.91
C SER A 137 -31.98 43.60 -8.76
N ALA A 138 -30.93 43.91 -9.50
CA ALA A 138 -30.29 42.85 -10.31
C ALA A 138 -29.55 41.89 -9.40
N CYS A 139 -29.21 42.39 -8.20
CA CYS A 139 -28.41 41.61 -7.26
C CYS A 139 -29.16 41.37 -5.94
N PRO A 140 -30.28 40.64 -5.99
CA PRO A 140 -31.08 40.51 -4.76
C PRO A 140 -30.44 39.61 -3.73
N TYR A 141 -30.64 39.93 -2.46
CA TYR A 141 -30.26 39.07 -1.38
C TYR A 141 -31.35 39.07 -0.29
N GLN A 142 -31.97 37.92 -0.05
CA GLN A 142 -32.96 37.80 1.04
C GLN A 142 -34.02 38.90 0.88
N GLY A 143 -34.55 39.01 -0.32
CA GLY A 143 -35.58 40.00 -0.63
C GLY A 143 -35.24 41.47 -0.70
N LYS A 144 -33.94 41.80 -0.65
CA LYS A 144 -33.56 43.19 -0.73
C LYS A 144 -32.54 43.41 -1.86
N SER A 145 -32.56 44.57 -2.50
CA SER A 145 -31.43 44.95 -3.39
C SER A 145 -30.05 44.90 -2.72
N SER A 146 -29.05 44.36 -3.44
CA SER A 146 -27.72 44.21 -2.86
C SER A 146 -26.71 44.40 -4.01
N PHE A 147 -25.50 43.87 -3.85
CA PHE A 147 -24.47 44.08 -4.88
C PHE A 147 -23.32 43.15 -4.59
N PHE A 148 -22.41 43.02 -5.56
CA PHE A 148 -21.17 42.27 -5.30
C PHE A 148 -20.54 42.70 -3.99
N ARG A 149 -20.18 41.74 -3.14
CA ARG A 149 -19.69 42.06 -1.79
C ARG A 149 -18.24 42.57 -1.70
N ASN A 150 -17.39 42.22 -2.67
CA ASN A 150 -15.97 42.52 -2.50
C ASN A 150 -15.53 43.87 -3.10
N VAL A 151 -16.48 44.52 -3.79
CA VAL A 151 -16.26 45.85 -4.35
C VAL A 151 -17.40 46.78 -3.94
N VAL A 152 -17.17 48.08 -4.03
CA VAL A 152 -18.18 49.05 -3.50
C VAL A 152 -18.59 50.04 -4.60
N TRP A 153 -19.88 50.05 -4.95
CA TRP A 153 -20.43 50.95 -5.97
C TRP A 153 -20.65 52.30 -5.29
N LEU A 154 -19.68 53.19 -5.46
CA LEU A 154 -19.71 54.54 -4.82
C LEU A 154 -20.66 55.48 -5.53
N ILE A 155 -21.39 56.31 -4.76
CA ILE A 155 -22.43 57.15 -5.33
C ILE A 155 -22.14 58.56 -4.78
N LYS A 156 -22.52 59.59 -5.54
CA LYS A 156 -22.23 60.97 -5.14
C LYS A 156 -22.92 61.22 -3.78
N LYS A 157 -22.41 62.22 -3.08
CA LYS A 157 -22.91 62.59 -1.76
C LYS A 157 -23.25 64.09 -1.76
N ASN A 158 -24.48 64.41 -1.35
CA ASN A 158 -24.92 65.81 -1.28
C ASN A 158 -24.70 66.48 -2.63
N SER A 159 -25.19 65.84 -3.68
CA SER A 159 -24.97 66.30 -5.05
C SER A 159 -23.52 66.62 -5.45
N THR A 160 -22.51 66.03 -4.78
CA THR A 160 -21.14 66.26 -5.20
C THR A 160 -20.39 64.91 -5.30
N TYR A 161 -19.44 64.80 -6.22
CA TYR A 161 -18.55 63.60 -6.23
C TYR A 161 -17.15 64.12 -6.39
N PRO A 162 -16.48 64.38 -5.26
CA PRO A 162 -15.13 64.94 -5.23
C PRO A 162 -14.17 63.93 -5.88
N THR A 163 -13.05 64.40 -6.39
CA THR A 163 -12.11 63.46 -7.01
C THR A 163 -11.51 62.52 -5.97
N ILE A 164 -11.65 61.22 -6.18
CA ILE A 164 -11.01 60.21 -5.33
C ILE A 164 -9.54 60.01 -5.68
N LYS A 165 -8.68 59.97 -4.66
CA LYS A 165 -7.26 59.58 -4.80
C LYS A 165 -6.92 58.65 -3.66
N ARG A 166 -6.81 57.35 -3.92
CA ARG A 166 -6.55 56.40 -2.84
C ARG A 166 -5.48 55.44 -3.32
N SER A 167 -4.62 55.07 -2.41
CA SER A 167 -3.53 54.14 -2.68
C SER A 167 -3.55 53.03 -1.69
N TYR A 168 -3.03 51.87 -2.10
CA TYR A 168 -2.79 50.77 -1.19
C TYR A 168 -1.42 50.16 -1.52
N ASN A 169 -0.57 50.07 -0.50
CA ASN A 169 0.75 49.43 -0.60
C ASN A 169 0.71 47.99 -0.15
N ASN A 170 1.10 47.05 -1.03
CA ASN A 170 1.19 45.66 -0.57
C ASN A 170 2.36 45.38 0.37
N THR A 171 2.09 45.51 1.67
CA THR A 171 3.08 45.26 2.70
C THR A 171 3.20 43.80 3.08
N ASN A 172 2.55 42.90 2.33
CA ASN A 172 2.73 41.48 2.57
C ASN A 172 3.86 40.88 1.71
N GLN A 173 4.22 39.63 1.99
CA GLN A 173 5.27 38.93 1.23
C GLN A 173 4.66 38.21 0.04
N GLU A 174 3.34 38.18 0.00
CA GLU A 174 2.62 37.39 -1.02
C GLU A 174 2.04 38.30 -2.09
N ASP A 175 1.95 37.82 -3.33
CA ASP A 175 1.26 38.57 -4.34
C ASP A 175 -0.23 38.78 -3.93
N LEU A 176 -0.83 39.84 -4.43
CA LEU A 176 -2.24 40.15 -4.11
C LEU A 176 -3.05 40.29 -5.38
N LEU A 177 -4.16 39.57 -5.49
CA LEU A 177 -5.07 39.74 -6.59
C LEU A 177 -6.07 40.87 -6.21
N VAL A 178 -6.05 41.96 -6.95
CA VAL A 178 -6.92 43.17 -6.73
C VAL A 178 -7.93 43.30 -7.86
N LEU A 179 -9.19 43.52 -7.50
CA LEU A 179 -10.31 43.63 -8.41
C LEU A 179 -10.99 44.99 -8.23
N TRP A 180 -11.41 45.59 -9.34
CA TRP A 180 -12.15 46.87 -9.33
C TRP A 180 -12.99 46.91 -10.58
N GLY A 181 -13.83 47.95 -10.72
CA GLY A 181 -14.74 47.98 -11.85
C GLY A 181 -15.12 49.36 -12.26
N ILE A 182 -15.83 49.45 -13.39
CA ILE A 182 -16.41 50.72 -13.83
C ILE A 182 -17.84 50.51 -14.22
N HIS A 183 -18.68 51.52 -13.97
CA HIS A 183 -20.07 51.41 -14.33
C HIS A 183 -20.29 52.17 -15.65
N HIS A 184 -20.90 51.48 -16.60
CA HIS A 184 -21.32 52.10 -17.88
C HIS A 184 -22.82 52.35 -17.84
N PRO A 185 -23.21 53.60 -17.62
CA PRO A 185 -24.65 53.87 -17.48
C PRO A 185 -25.44 53.92 -18.79
N ASN A 186 -26.74 54.17 -18.67
CA ASN A 186 -27.69 54.09 -19.78
C ASN A 186 -27.79 55.35 -20.62
N ASP A 187 -27.72 56.50 -19.95
CA ASP A 187 -27.82 57.79 -20.60
C ASP A 187 -27.22 58.87 -19.73
N ALA A 188 -27.14 60.08 -20.27
CA ALA A 188 -26.57 61.23 -19.56
C ALA A 188 -27.28 61.57 -18.24
N ALA A 189 -28.60 61.35 -18.21
CA ALA A 189 -29.36 61.74 -17.04
C ALA A 189 -29.00 60.83 -15.88
N GLU A 190 -28.85 59.55 -16.17
CA GLU A 190 -28.49 58.62 -15.12
C GLU A 190 -27.07 58.94 -14.62
N GLN A 191 -26.18 59.32 -15.56
CA GLN A 191 -24.83 59.71 -15.22
C GLN A 191 -24.79 60.81 -14.18
N THR A 192 -25.60 61.84 -14.40
CA THR A 192 -25.72 62.93 -13.46
C THR A 192 -26.37 62.52 -12.13
N LYS A 193 -27.41 61.72 -12.20
CA LYS A 193 -28.10 61.32 -10.99
C LYS A 193 -27.17 60.56 -10.05
N LEU A 194 -26.29 59.71 -10.61
CA LEU A 194 -25.43 58.89 -9.75
C LEU A 194 -24.15 59.54 -9.37
N TYR A 195 -23.56 60.30 -10.31
CA TYR A 195 -22.19 60.77 -10.12
C TYR A 195 -21.97 62.28 -10.24
N GLN A 196 -23.03 63.01 -10.59
CA GLN A 196 -22.99 64.48 -10.76
C GLN A 196 -22.19 64.91 -11.98
N ASN A 197 -20.92 64.57 -11.97
CA ASN A 197 -19.99 64.93 -13.02
C ASN A 197 -20.30 64.22 -14.34
N PRO A 198 -20.44 64.98 -15.44
CA PRO A 198 -20.87 64.40 -16.71
C PRO A 198 -19.77 63.63 -17.45
N THR A 199 -18.54 63.98 -17.20
CA THR A 199 -17.40 63.48 -17.93
C THR A 199 -16.37 62.91 -16.98
N THR A 200 -16.23 61.59 -16.93
CA THR A 200 -15.52 60.96 -15.85
C THR A 200 -14.47 59.95 -16.33
N TYR A 201 -13.59 59.56 -15.41
CA TYR A 201 -12.56 58.57 -15.66
C TYR A 201 -12.21 57.81 -14.38
N ILE A 202 -11.51 56.68 -14.53
CA ILE A 202 -10.83 56.03 -13.43
C ILE A 202 -9.44 55.71 -13.94
N SER A 203 -8.45 56.24 -13.27
CA SER A 203 -7.08 55.94 -13.63
C SER A 203 -6.52 54.98 -12.61
N VAL A 204 -5.78 53.97 -13.07
CA VAL A 204 -5.16 53.04 -12.16
C VAL A 204 -3.70 52.79 -12.54
N GLY A 205 -2.80 52.89 -11.57
CA GLY A 205 -1.36 52.70 -11.79
C GLY A 205 -0.68 51.80 -10.78
N THR A 206 0.28 50.97 -11.21
CA THR A 206 1.17 50.30 -10.27
C THR A 206 2.59 50.42 -10.85
N SER A 207 3.51 49.53 -10.50
CA SER A 207 4.80 49.59 -11.19
C SER A 207 4.68 49.18 -12.66
N THR A 208 3.64 48.44 -13.01
CA THR A 208 3.44 47.97 -14.41
C THR A 208 2.15 48.41 -15.05
N LEU A 209 1.11 48.63 -14.25
CA LEU A 209 -0.15 48.99 -14.83
C LEU A 209 -0.24 50.47 -15.10
N ASN A 210 -0.84 50.85 -16.22
CA ASN A 210 -1.02 52.26 -16.59
C ASN A 210 -2.37 52.42 -17.27
N GLN A 211 -3.45 52.40 -16.48
CA GLN A 211 -4.77 52.26 -17.05
C GLN A 211 -5.57 53.55 -16.92
N ARG A 212 -6.37 53.88 -17.91
N ARG A 212 -6.32 53.89 -17.96
CA ARG A 212 -7.30 54.99 -17.75
CA ARG A 212 -7.33 54.92 -17.84
C ARG A 212 -8.65 54.71 -18.42
C ARG A 212 -8.61 54.42 -18.44
N LEU A 213 -9.62 54.30 -17.61
CA LEU A 213 -10.92 53.83 -18.07
C LEU A 213 -11.90 54.98 -18.21
N VAL A 214 -12.79 54.89 -19.19
CA VAL A 214 -13.82 55.90 -19.37
C VAL A 214 -15.15 55.23 -19.60
N PRO A 215 -16.23 55.75 -18.97
CA PRO A 215 -17.49 55.03 -19.09
C PRO A 215 -17.99 55.17 -20.48
N ARG A 216 -18.64 54.12 -20.96
CA ARG A 216 -19.27 54.20 -22.27
C ARG A 216 -20.75 54.22 -22.15
N ILE A 217 -21.35 55.29 -22.63
CA ILE A 217 -22.77 55.22 -22.78
C ILE A 217 -23.11 54.53 -24.13
N ALA A 218 -24.04 53.57 -24.03
CA ALA A 218 -24.74 52.91 -25.14
C ALA A 218 -26.15 52.55 -24.67
N THR A 219 -27.02 52.30 -25.64
CA THR A 219 -28.40 51.93 -25.34
C THR A 219 -28.43 50.47 -25.50
N ARG A 220 -28.73 49.78 -24.40
CA ARG A 220 -28.54 48.35 -24.38
C ARG A 220 -29.78 47.65 -23.95
N SER A 221 -29.85 46.39 -24.34
CA SER A 221 -30.90 45.50 -23.92
C SER A 221 -30.86 45.31 -22.41
N LYS A 222 -32.02 45.22 -21.78
CA LYS A 222 -32.04 44.85 -20.38
C LYS A 222 -31.61 43.41 -20.15
N VAL A 223 -30.69 43.21 -19.20
CA VAL A 223 -30.33 41.90 -18.74
C VAL A 223 -30.39 41.93 -17.22
N ASN A 224 -31.05 40.94 -16.63
CA ASN A 224 -31.39 40.99 -15.19
C ASN A 224 -32.02 42.33 -14.81
N GLY A 225 -32.85 42.89 -15.70
CA GLY A 225 -33.51 44.15 -15.42
C GLY A 225 -32.75 45.41 -15.74
N GLN A 226 -31.48 45.28 -16.08
CA GLN A 226 -30.67 46.47 -16.19
C GLN A 226 -30.11 46.63 -17.59
N SER A 227 -30.10 47.86 -18.07
CA SER A 227 -29.43 48.23 -19.29
C SER A 227 -28.05 48.79 -19.04
N GLY A 228 -27.71 49.04 -17.76
CA GLY A 228 -26.39 49.58 -17.49
C GLY A 228 -25.46 48.36 -17.51
N ARG A 229 -24.15 48.58 -17.49
CA ARG A 229 -23.24 47.44 -17.39
C ARG A 229 -22.14 47.73 -16.39
N MET A 230 -21.65 46.70 -15.71
CA MET A 230 -20.43 46.86 -14.90
C MET A 230 -19.28 46.05 -15.54
N GLU A 231 -18.16 46.68 -15.76
CA GLU A 231 -16.98 46.02 -16.35
C GLU A 231 -15.87 45.94 -15.31
N PHE A 232 -15.40 44.72 -15.03
CA PHE A 232 -14.44 44.52 -13.96
C PHE A 232 -13.06 44.24 -14.52
N PHE A 233 -12.07 44.67 -13.76
CA PHE A 233 -10.65 44.56 -14.09
C PHE A 233 -9.87 43.98 -12.92
N TRP A 234 -8.67 43.48 -13.18
CA TRP A 234 -7.88 42.90 -12.10
C TRP A 234 -6.42 43.04 -12.40
N THR A 235 -5.63 42.99 -11.34
CA THR A 235 -4.17 42.91 -11.49
C THR A 235 -3.56 42.12 -10.35
N ILE A 236 -2.33 41.67 -10.53
CA ILE A 236 -1.62 41.10 -9.44
C ILE A 236 -0.63 42.15 -8.92
N LEU A 237 -0.74 42.49 -7.64
CA LEU A 237 0.07 43.55 -7.04
C LEU A 237 1.20 42.86 -6.29
N LYS A 238 2.43 43.05 -6.76
CA LYS A 238 3.53 42.34 -6.15
C LYS A 238 3.90 42.90 -4.77
N PRO A 239 4.57 42.08 -3.98
CA PRO A 239 5.02 42.55 -2.67
C PRO A 239 5.80 43.87 -2.77
N ASN A 240 5.46 44.81 -1.89
CA ASN A 240 6.10 46.12 -1.83
C ASN A 240 5.77 47.11 -2.94
N ASP A 241 4.94 46.70 -3.88
CA ASP A 241 4.39 47.63 -4.85
C ASP A 241 3.12 48.25 -4.28
N ALA A 242 2.68 49.30 -4.94
CA ALA A 242 1.42 49.99 -4.56
C ALA A 242 0.54 50.21 -5.76
N ILE A 243 -0.77 50.22 -5.49
CA ILE A 243 -1.74 50.55 -6.50
C ILE A 243 -2.42 51.89 -6.17
N ASN A 244 -2.52 52.73 -7.19
CA ASN A 244 -3.11 54.05 -7.04
C ASN A 244 -4.29 54.24 -7.91
N PHE A 245 -5.43 54.52 -7.28
CA PHE A 245 -6.69 54.77 -7.95
C PHE A 245 -7.00 56.27 -7.96
N GLU A 246 -7.50 56.77 -9.09
CA GLU A 246 -8.06 58.12 -9.15
C GLU A 246 -9.33 58.14 -9.99
N SER A 247 -10.38 58.79 -9.52
CA SER A 247 -11.62 58.83 -10.29
C SER A 247 -12.55 59.97 -9.83
N ASN A 248 -13.33 60.50 -10.77
CA ASN A 248 -14.34 61.52 -10.44
C ASN A 248 -15.68 60.95 -10.83
N GLY A 249 -15.80 59.62 -10.83
CA GLY A 249 -17.11 59.00 -11.02
C GLY A 249 -17.05 57.59 -11.63
N ASN A 250 -18.14 56.84 -11.47
CA ASN A 250 -18.39 55.54 -12.08
C ASN A 250 -17.47 54.41 -11.52
N PHE A 251 -16.75 54.73 -10.46
CA PHE A 251 -15.70 53.84 -9.86
C PHE A 251 -16.34 52.77 -8.98
N ILE A 252 -16.10 51.49 -9.28
CA ILE A 252 -16.51 50.39 -8.42
C ILE A 252 -15.25 49.99 -7.68
N ALA A 253 -15.10 50.48 -6.42
CA ALA A 253 -13.83 50.44 -5.74
C ALA A 253 -13.58 49.10 -5.01
N PRO A 254 -12.31 48.71 -4.87
CA PRO A 254 -12.00 47.54 -4.04
C PRO A 254 -12.50 47.73 -2.62
N GLU A 255 -12.99 46.67 -1.99
CA GLU A 255 -12.99 46.62 -0.54
C GLU A 255 -12.05 45.47 -0.14
N TYR A 256 -12.30 44.28 -0.69
CA TYR A 256 -11.47 43.11 -0.36
C TYR A 256 -10.63 42.69 -1.57
N ALA A 257 -9.43 42.23 -1.29
CA ALA A 257 -8.55 41.63 -2.32
C ALA A 257 -8.09 40.29 -1.82
N TYR A 258 -7.36 39.53 -2.65
CA TYR A 258 -7.05 38.18 -2.27
C TYR A 258 -5.54 37.95 -2.24
N LYS A 259 -5.03 37.70 -1.04
CA LYS A 259 -3.63 37.39 -0.89
C LYS A 259 -3.37 35.91 -1.30
N ILE A 260 -2.43 35.69 -2.22
CA ILE A 260 -2.13 34.32 -2.65
C ILE A 260 -1.17 33.65 -1.71
N VAL A 261 -1.67 32.73 -0.88
CA VAL A 261 -0.87 32.17 0.19
C VAL A 261 -0.43 30.75 -0.05
N LYS A 262 -0.99 30.08 -1.05
CA LYS A 262 -0.51 28.74 -1.39
C LYS A 262 -0.61 28.58 -2.92
N LYS A 263 0.49 28.16 -3.54
CA LYS A 263 0.52 27.94 -4.99
C LYS A 263 0.90 26.48 -5.19
N GLY A 264 0.45 25.87 -6.27
CA GLY A 264 0.63 24.43 -6.45
C GLY A 264 -0.15 23.96 -7.67
N ASP A 265 -0.16 22.67 -7.90
CA ASP A 265 -0.98 22.10 -8.94
C ASP A 265 -2.44 22.25 -8.56
N SER A 266 -3.20 22.77 -9.52
CA SER A 266 -4.63 22.75 -9.43
C SER A 266 -5.20 22.77 -10.87
N THR A 267 -6.50 22.79 -10.97
CA THR A 267 -7.14 22.87 -12.29
C THR A 267 -8.52 23.35 -11.97
N ILE A 268 -9.16 23.96 -12.95
CA ILE A 268 -10.60 24.18 -12.89
C ILE A 268 -11.29 23.10 -13.72
N MET A 269 -12.01 22.23 -13.03
CA MET A 269 -12.60 21.06 -13.66
C MET A 269 -14.04 21.38 -13.94
N LYS A 270 -14.49 21.11 -15.16
CA LYS A 270 -15.88 21.37 -15.51
C LYS A 270 -16.70 20.10 -15.26
N SER A 271 -17.68 20.16 -14.35
CA SER A 271 -18.46 18.98 -14.00
C SER A 271 -19.78 19.42 -13.39
N GLU A 272 -20.83 18.64 -13.59
CA GLU A 272 -22.12 18.97 -12.98
C GLU A 272 -22.31 18.25 -11.67
N LEU A 273 -21.39 17.38 -11.34
CA LEU A 273 -21.47 16.60 -10.12
C LEU A 273 -21.17 17.48 -8.89
N GLU A 274 -21.55 17.00 -7.71
CA GLU A 274 -21.14 17.71 -6.51
C GLU A 274 -20.41 16.79 -5.55
N TYR A 275 -20.14 17.24 -4.32
CA TYR A 275 -19.22 16.51 -3.49
C TYR A 275 -19.66 15.09 -3.18
N GLY A 276 -18.70 14.18 -3.16
CA GLY A 276 -19.02 12.76 -2.97
C GLY A 276 -18.60 12.19 -1.63
N ASN A 277 -18.02 13.03 -0.77
CA ASN A 277 -17.55 12.60 0.54
CA ASN A 277 -17.51 12.61 0.53
C ASN A 277 -16.61 11.39 0.51
N CYS A 278 -15.57 11.45 -0.34
CA CYS A 278 -14.66 10.33 -0.54
C CYS A 278 -13.26 10.86 -0.76
N ASN A 279 -12.30 9.97 -0.89
CA ASN A 279 -10.93 10.37 -1.11
C ASN A 279 -10.33 9.55 -2.27
N THR A 280 -9.43 10.16 -3.05
CA THR A 280 -8.85 9.48 -4.21
C THR A 280 -7.46 10.03 -4.50
N LYS A 281 -6.69 9.32 -5.33
CA LYS A 281 -5.42 9.82 -5.83
C LYS A 281 -5.52 10.29 -7.28
N CYS A 282 -6.65 9.99 -7.91
CA CYS A 282 -6.89 10.35 -9.34
C CYS A 282 -8.35 10.73 -9.57
N GLN A 283 -8.59 11.99 -9.96
CA GLN A 283 -9.95 12.45 -10.18
C GLN A 283 -10.21 12.84 -11.63
N THR A 284 -11.40 12.50 -12.15
CA THR A 284 -11.84 12.95 -13.48
C THR A 284 -13.18 13.63 -13.31
N PRO A 285 -13.64 14.38 -14.33
CA PRO A 285 -14.91 15.11 -14.17
C PRO A 285 -16.10 14.16 -14.04
N MET A 286 -15.93 12.87 -14.33
CA MET A 286 -17.04 11.94 -14.30
C MET A 286 -17.01 11.13 -13.05
N GLY A 287 -15.92 11.18 -12.31
CA GLY A 287 -15.73 10.24 -11.23
C GLY A 287 -14.28 9.96 -10.92
N ALA A 288 -14.00 9.41 -9.76
CA ALA A 288 -12.63 9.15 -9.35
C ALA A 288 -12.18 7.76 -9.74
N ILE A 289 -10.86 7.60 -9.88
CA ILE A 289 -10.25 6.33 -10.31
C ILE A 289 -9.36 5.78 -9.18
N ASN A 290 -9.53 4.49 -8.87
N ASN A 290 -9.49 4.50 -8.85
CA ASN A 290 -8.66 3.78 -7.94
CA ASN A 290 -8.55 3.89 -7.94
C ASN A 290 -8.11 2.57 -8.66
C ASN A 290 -8.05 2.59 -8.55
N SER A 291 -6.90 2.67 -9.20
CA SER A 291 -6.43 1.62 -10.09
C SER A 291 -4.94 1.66 -10.25
N SER A 292 -4.35 0.48 -10.48
CA SER A 292 -2.94 0.45 -10.83
C SER A 292 -2.74 0.15 -12.35
N MET A 293 -3.82 0.04 -13.12
CA MET A 293 -3.67 -0.16 -14.58
C MET A 293 -2.84 0.98 -15.20
N PRO A 294 -2.04 0.66 -16.21
CA PRO A 294 -1.24 1.69 -16.85
C PRO A 294 -2.12 2.62 -17.69
N PHE A 295 -3.28 2.15 -18.13
CA PHE A 295 -4.17 2.97 -19.02
C PHE A 295 -5.60 3.06 -18.46
N HIS A 296 -6.37 4.08 -18.88
CA HIS A 296 -7.78 4.11 -18.55
C HIS A 296 -8.52 4.76 -19.68
N ASN A 297 -9.84 4.56 -19.78
CA ASN A 297 -10.58 5.23 -20.83
C ASN A 297 -11.76 6.12 -20.33
N ILE A 298 -11.62 6.66 -19.13
CA ILE A 298 -12.78 7.31 -18.48
C ILE A 298 -13.01 8.71 -19.06
N HIS A 299 -11.99 9.57 -19.02
CA HIS A 299 -12.12 10.97 -19.53
C HIS A 299 -10.69 11.51 -19.61
N PRO A 300 -10.40 12.35 -20.61
CA PRO A 300 -9.00 12.81 -20.77
C PRO A 300 -8.55 13.81 -19.71
N LEU A 301 -9.51 14.51 -19.10
CA LEU A 301 -9.08 15.64 -18.29
C LEU A 301 -8.99 15.29 -16.82
N THR A 302 -7.86 14.74 -16.42
CA THR A 302 -7.78 14.24 -15.04
C THR A 302 -6.81 15.06 -14.20
N ILE A 303 -6.86 14.84 -12.89
CA ILE A 303 -5.81 15.40 -12.02
C ILE A 303 -5.41 14.35 -11.00
N GLY A 304 -4.13 14.34 -10.66
CA GLY A 304 -3.67 13.43 -9.62
C GLY A 304 -2.69 12.46 -10.25
N GLU A 305 -2.50 11.32 -9.60
N GLU A 305 -2.54 11.31 -9.60
CA GLU A 305 -1.61 10.28 -10.11
CA GLU A 305 -1.66 10.24 -10.07
C GLU A 305 -2.49 9.27 -10.83
C GLU A 305 -2.54 9.26 -10.83
N CYS A 306 -2.59 9.42 -12.15
CA CYS A 306 -3.55 8.72 -12.90
C CYS A 306 -2.90 7.76 -13.90
N PRO A 307 -3.68 6.76 -14.37
CA PRO A 307 -3.24 6.00 -15.56
C PRO A 307 -3.22 6.93 -16.79
N LYS A 308 -2.69 6.44 -17.89
CA LYS A 308 -2.73 7.27 -19.10
C LYS A 308 -4.02 7.09 -19.88
N TYR A 309 -4.64 8.19 -20.29
CA TYR A 309 -5.91 8.09 -21.00
C TYR A 309 -5.73 7.65 -22.46
N VAL A 310 -6.53 6.69 -22.89
CA VAL A 310 -6.69 6.32 -24.31
C VAL A 310 -8.13 6.14 -24.67
N LYS A 311 -8.46 6.29 -25.96
CA LYS A 311 -9.85 6.11 -26.40
C LYS A 311 -10.33 4.64 -26.51
N SER A 312 -9.44 3.69 -26.25
CA SER A 312 -9.74 2.30 -26.51
C SER A 312 -10.84 1.73 -25.63
N ASN A 313 -11.60 0.76 -26.14
CA ASN A 313 -12.55 0.06 -25.32
CA ASN A 313 -12.55 0.06 -25.29
C ASN A 313 -11.98 -1.23 -24.73
N ARG A 314 -10.79 -1.67 -25.21
CA ARG A 314 -10.20 -2.95 -24.76
C ARG A 314 -8.71 -2.96 -25.05
N LEU A 315 -7.91 -3.26 -24.03
CA LEU A 315 -6.49 -3.50 -24.26
C LEU A 315 -6.11 -4.70 -23.39
N VAL A 316 -5.75 -5.83 -24.00
CA VAL A 316 -5.40 -6.99 -23.22
C VAL A 316 -4.11 -7.60 -23.78
N LEU A 317 -3.10 -7.76 -22.92
CA LEU A 317 -1.84 -8.37 -23.37
C LEU A 317 -1.87 -9.85 -23.17
N ALA A 318 -1.42 -10.59 -24.17
CA ALA A 318 -1.19 -12.01 -23.98
C ALA A 318 -0.02 -12.24 -23.02
N THR A 319 -0.15 -13.23 -22.14
CA THR A 319 1.03 -13.68 -21.36
C THR A 319 1.24 -15.16 -21.56
N GLY A 320 0.16 -15.91 -21.47
CA GLY A 320 0.19 -17.36 -21.62
C GLY A 320 0.10 -17.81 -23.09
N LEU A 321 -0.14 -19.12 -23.27
CA LEU A 321 -0.06 -19.78 -24.57
C LEU A 321 -1.42 -19.84 -25.23
N ARG A 322 -1.43 -20.06 -26.54
N ARG A 322 -1.42 -20.04 -26.54
CA ARG A 322 -2.67 -20.38 -27.23
CA ARG A 322 -2.66 -20.40 -27.21
C ARG A 322 -3.35 -21.65 -26.65
C ARG A 322 -3.30 -21.61 -26.51
N ASN A 323 -4.60 -21.50 -26.21
CA ASN A 323 -5.32 -22.55 -25.51
C ASN A 323 -6.45 -23.07 -26.42
N SER A 324 -6.24 -24.23 -27.02
CA SER A 324 -7.23 -24.77 -27.99
C SER A 324 -8.14 -25.85 -27.34
N PRO A 325 -9.35 -26.04 -27.88
CA PRO A 325 -10.29 -27.04 -27.32
C PRO A 325 -9.75 -28.46 -27.35
N GLY B 1 1.10 -21.81 -35.70
CA GLY B 1 2.03 -20.74 -35.31
C GLY B 1 3.32 -20.79 -36.14
N LEU B 2 4.18 -19.76 -36.03
CA LEU B 2 5.32 -19.67 -36.96
C LEU B 2 6.26 -20.84 -36.81
N PHE B 3 6.30 -21.44 -35.61
CA PHE B 3 7.32 -22.46 -35.39
C PHE B 3 6.83 -23.90 -35.50
N GLY B 4 5.53 -24.04 -35.79
CA GLY B 4 5.01 -25.33 -36.22
C GLY B 4 4.80 -26.37 -35.11
N ALA B 5 5.04 -26.01 -33.84
CA ALA B 5 4.90 -26.96 -32.74
C ALA B 5 3.52 -26.96 -32.05
N ILE B 6 3.18 -25.85 -31.41
CA ILE B 6 1.90 -25.74 -30.68
C ILE B 6 0.76 -25.83 -31.71
N ALA B 7 -0.18 -26.73 -31.46
CA ALA B 7 -1.28 -27.01 -32.41
C ALA B 7 -0.74 -27.21 -33.80
N GLY B 8 0.40 -27.90 -33.86
CA GLY B 8 1.11 -28.15 -35.10
C GLY B 8 1.44 -29.60 -35.08
N PHE B 9 2.72 -29.96 -35.08
CA PHE B 9 3.05 -31.37 -34.96
C PHE B 9 2.71 -31.93 -33.58
N ILE B 10 2.57 -31.04 -32.59
CA ILE B 10 2.11 -31.50 -31.26
C ILE B 10 0.65 -31.07 -31.25
N GLU B 11 -0.24 -32.06 -31.27
CA GLU B 11 -1.63 -31.77 -31.64
C GLU B 11 -2.35 -30.85 -30.66
N GLY B 12 -2.03 -30.97 -29.38
CA GLY B 12 -2.70 -30.16 -28.38
C GLY B 12 -1.89 -30.06 -27.11
N GLY B 13 -2.36 -29.23 -26.16
CA GLY B 13 -1.68 -29.04 -24.89
C GLY B 13 -2.16 -30.06 -23.86
N TRP B 14 -1.49 -30.06 -22.72
CA TRP B 14 -1.77 -31.00 -21.63
C TRP B 14 -2.40 -30.30 -20.43
N GLN B 15 -3.66 -30.63 -20.13
CA GLN B 15 -4.24 -30.10 -18.89
C GLN B 15 -3.47 -30.58 -17.69
N GLY B 16 -2.81 -31.71 -17.85
CA GLY B 16 -2.02 -32.29 -16.74
C GLY B 16 -0.69 -31.65 -16.41
N MET B 17 -0.26 -30.71 -17.25
CA MET B 17 0.98 -30.08 -16.97
C MET B 17 0.78 -28.69 -16.38
N VAL B 18 0.84 -28.71 -15.06
CA VAL B 18 0.38 -27.59 -14.25
C VAL B 18 1.57 -26.82 -13.71
N ASP B 19 2.74 -27.44 -13.62
CA ASP B 19 3.86 -26.77 -12.96
C ASP B 19 4.95 -26.22 -13.92
N GLY B 20 4.54 -26.12 -15.19
CA GLY B 20 5.44 -25.48 -16.18
C GLY B 20 4.61 -25.08 -17.39
N TRP B 21 5.17 -24.18 -18.23
CA TRP B 21 4.50 -23.89 -19.46
C TRP B 21 4.86 -24.93 -20.52
N TYR B 22 6.07 -25.52 -20.41
CA TYR B 22 6.55 -26.53 -21.38
C TYR B 22 7.17 -27.64 -20.57
N GLY B 23 7.08 -28.86 -21.07
CA GLY B 23 7.64 -29.95 -20.27
C GLY B 23 7.48 -31.30 -20.98
N TYR B 24 7.46 -32.38 -20.18
CA TYR B 24 7.62 -33.71 -20.73
C TYR B 24 6.59 -34.64 -20.13
N HIS B 25 6.30 -35.71 -20.85
CA HIS B 25 5.54 -36.80 -20.24
C HIS B 25 6.32 -38.05 -20.57
N HIS B 26 6.58 -38.92 -19.58
CA HIS B 26 7.38 -40.12 -19.92
C HIS B 26 6.63 -41.36 -19.51
N SER B 27 7.09 -42.47 -20.08
CA SER B 27 6.52 -43.78 -19.67
C SER B 27 7.57 -44.83 -19.79
N ASN B 28 7.76 -45.59 -18.71
CA ASN B 28 8.82 -46.62 -18.74
C ASN B 28 8.33 -47.71 -17.77
N GLU B 29 9.19 -48.63 -17.44
CA GLU B 29 8.75 -49.80 -16.64
C GLU B 29 8.29 -49.31 -15.29
N GLN B 30 8.99 -48.31 -14.74
CA GLN B 30 8.66 -47.71 -13.43
C GLN B 30 7.35 -46.96 -13.34
N GLY B 31 6.79 -46.54 -14.48
CA GLY B 31 5.50 -45.86 -14.51
C GLY B 31 5.52 -44.67 -15.47
N SER B 32 4.59 -43.74 -15.31
CA SER B 32 4.52 -42.61 -16.25
C SER B 32 4.17 -41.35 -15.51
N GLY B 33 4.44 -40.21 -16.13
CA GLY B 33 4.04 -38.98 -15.47
C GLY B 33 4.56 -37.76 -16.19
N TYR B 34 4.06 -36.61 -15.74
CA TYR B 34 4.50 -35.31 -16.27
C TYR B 34 5.66 -34.71 -15.49
N ALA B 35 6.47 -33.89 -16.16
CA ALA B 35 7.45 -33.11 -15.46
C ALA B 35 7.66 -31.82 -16.22
N ALA B 36 7.70 -30.70 -15.50
CA ALA B 36 7.96 -29.41 -16.17
C ALA B 36 9.39 -29.32 -16.70
N ASP B 37 9.62 -28.59 -17.80
CA ASP B 37 10.98 -28.08 -18.07
C ASP B 37 11.14 -26.72 -17.42
N LYS B 38 11.75 -26.70 -16.24
CA LYS B 38 11.68 -25.45 -15.48
CA LYS B 38 11.70 -25.46 -15.46
C LYS B 38 12.56 -24.36 -16.08
N GLU B 39 13.65 -24.73 -16.76
CA GLU B 39 14.54 -23.74 -17.35
CA GLU B 39 14.55 -23.73 -17.33
C GLU B 39 13.90 -22.95 -18.47
N SER B 40 13.30 -23.65 -19.43
CA SER B 40 12.64 -22.96 -20.53
C SER B 40 11.39 -22.21 -20.04
N THR B 41 10.69 -22.80 -19.09
CA THR B 41 9.57 -22.09 -18.48
C THR B 41 10.01 -20.77 -17.82
N GLN B 42 11.03 -20.82 -16.99
CA GLN B 42 11.48 -19.61 -16.32
C GLN B 42 12.00 -18.56 -17.33
N LYS B 43 12.76 -19.04 -18.33
CA LYS B 43 13.23 -18.09 -19.33
C LYS B 43 12.10 -17.36 -20.01
N ALA B 44 11.04 -18.09 -20.34
CA ALA B 44 9.92 -17.49 -21.00
C ALA B 44 9.14 -16.55 -20.09
N ILE B 45 8.99 -16.94 -18.84
CA ILE B 45 8.33 -16.04 -17.87
C ILE B 45 9.13 -14.73 -17.75
N ASP B 46 10.44 -14.85 -17.68
CA ASP B 46 11.30 -13.67 -17.52
C ASP B 46 11.10 -12.76 -18.74
N GLY B 47 11.00 -13.39 -19.90
CA GLY B 47 10.86 -12.58 -21.14
C GLY B 47 9.52 -11.86 -21.17
N VAL B 48 8.45 -12.57 -20.79
CA VAL B 48 7.13 -11.96 -20.83
C VAL B 48 7.04 -10.86 -19.73
N THR B 49 7.64 -11.13 -18.57
CA THR B 49 7.66 -10.13 -17.50
C THR B 49 8.33 -8.86 -18.01
N ASN B 50 9.45 -9.02 -18.68
CA ASN B 50 10.16 -7.83 -19.20
C ASN B 50 9.34 -7.12 -20.26
N LYS B 51 8.69 -7.91 -21.11
CA LYS B 51 7.86 -7.37 -22.18
C LYS B 51 6.80 -6.47 -21.59
N VAL B 52 6.11 -6.98 -20.56
CA VAL B 52 5.04 -6.19 -19.98
C VAL B 52 5.62 -4.89 -19.44
N ASN B 53 6.75 -5.01 -18.74
N ASN B 53 6.74 -4.99 -18.72
CA ASN B 53 7.40 -3.84 -18.13
CA ASN B 53 7.38 -3.80 -18.15
C ASN B 53 7.98 -2.83 -19.13
C ASN B 53 7.81 -2.80 -19.22
N SER B 54 8.42 -3.33 -20.29
CA SER B 54 8.89 -2.47 -21.40
C SER B 54 7.75 -1.64 -21.97
N ILE B 55 6.61 -2.29 -22.17
CA ILE B 55 5.47 -1.68 -22.81
C ILE B 55 5.00 -0.54 -21.91
N ILE B 56 4.87 -0.82 -20.62
CA ILE B 56 4.41 0.20 -19.67
C ILE B 56 5.42 1.33 -19.48
N ASP B 57 6.72 1.00 -19.37
CA ASP B 57 7.77 2.00 -19.20
CA ASP B 57 7.70 2.04 -19.16
C ASP B 57 7.77 2.99 -20.37
N LYS B 58 7.65 2.46 -21.60
CA LYS B 58 7.75 3.35 -22.78
C LYS B 58 6.53 4.28 -22.88
N MET B 59 5.42 3.90 -22.24
CA MET B 59 4.17 4.70 -22.26
C MET B 59 4.11 5.60 -21.02
N ASN B 60 5.18 5.58 -20.22
CA ASN B 60 5.19 6.31 -18.97
C ASN B 60 5.11 7.84 -19.15
N THR B 61 5.70 8.36 -20.22
CA THR B 61 5.55 9.79 -20.50
C THR B 61 4.77 9.96 -21.78
N GLN B 62 3.47 10.09 -21.64
CA GLN B 62 2.64 10.34 -22.80
C GLN B 62 1.77 11.58 -22.51
N PHE B 63 0.89 11.92 -23.43
CA PHE B 63 0.33 13.27 -23.41
C PHE B 63 -0.76 13.37 -22.34
N GLU B 64 -0.71 14.47 -21.59
CA GLU B 64 -1.73 14.85 -20.58
C GLU B 64 -2.51 16.10 -20.95
N ALA B 65 -3.78 15.87 -21.25
CA ALA B 65 -4.70 16.95 -21.57
C ALA B 65 -4.93 17.81 -20.35
N VAL B 66 -5.13 19.11 -20.60
CA VAL B 66 -5.29 20.12 -19.54
C VAL B 66 -6.46 21.03 -19.93
N GLY B 67 -7.35 21.37 -19.00
CA GLY B 67 -8.46 22.23 -19.38
C GLY B 67 -7.92 23.65 -19.64
N ARG B 68 -8.37 24.29 -20.74
CA ARG B 68 -8.00 25.69 -21.05
C ARG B 68 -9.28 26.32 -21.54
N GLU B 69 -9.56 27.57 -21.17
CA GLU B 69 -10.81 28.20 -21.60
C GLU B 69 -10.59 29.41 -22.49
N PHE B 70 -11.60 29.66 -23.33
CA PHE B 70 -11.45 30.72 -24.36
C PHE B 70 -12.78 31.43 -24.48
N ASN B 71 -12.72 32.71 -24.78
CA ASN B 71 -13.97 33.44 -24.94
C ASN B 71 -14.54 33.36 -26.34
N ASN B 72 -15.67 34.04 -26.53
CA ASN B 72 -16.42 33.86 -27.76
C ASN B 72 -15.76 34.45 -29.01
N LEU B 73 -14.72 35.24 -28.81
CA LEU B 73 -13.98 35.79 -29.94
C LEU B 73 -12.53 35.23 -29.97
N GLU B 74 -12.38 34.05 -29.36
CA GLU B 74 -11.12 33.27 -29.47
C GLU B 74 -11.41 31.87 -30.03
N ARG B 75 -12.38 31.79 -30.95
CA ARG B 75 -12.76 30.49 -31.47
C ARG B 75 -11.63 29.80 -32.26
N ARG B 76 -10.80 30.59 -32.95
CA ARG B 76 -9.74 29.96 -33.73
C ARG B 76 -8.76 29.25 -32.75
N ILE B 77 -8.33 29.97 -31.70
CA ILE B 77 -7.36 29.31 -30.81
C ILE B 77 -8.01 28.19 -29.98
N GLU B 78 -9.26 28.35 -29.66
CA GLU B 78 -10.03 27.26 -29.05
C GLU B 78 -10.05 26.03 -29.88
N ASN B 79 -10.31 26.19 -31.18
CA ASN B 79 -10.26 25.06 -32.12
C ASN B 79 -8.86 24.46 -32.28
N LEU B 80 -7.83 25.31 -32.31
CA LEU B 80 -6.44 24.82 -32.44
C LEU B 80 -6.16 23.97 -31.16
N ASN B 81 -6.56 24.49 -30.01
CA ASN B 81 -6.32 23.76 -28.73
C ASN B 81 -7.00 22.41 -28.80
N LYS B 82 -8.27 22.39 -29.22
CA LYS B 82 -9.01 21.11 -29.29
C LYS B 82 -8.35 20.11 -30.24
N LYS B 83 -7.99 20.57 -31.43
CA LYS B 83 -7.31 19.69 -32.41
C LYS B 83 -6.00 19.15 -31.87
N MET B 84 -5.24 19.99 -31.19
N MET B 84 -5.24 20.00 -31.18
CA MET B 84 -3.97 19.51 -30.68
CA MET B 84 -3.92 19.64 -30.61
C MET B 84 -4.21 18.41 -29.66
C MET B 84 -4.06 18.55 -29.54
N GLU B 85 -5.03 18.73 -28.64
CA GLU B 85 -5.25 17.75 -27.59
C GLU B 85 -5.82 16.46 -28.12
N ASP B 86 -6.79 16.56 -29.00
CA ASP B 86 -7.33 15.37 -29.63
C ASP B 86 -6.23 14.66 -30.45
N GLY B 87 -5.43 15.42 -31.15
CA GLY B 87 -4.38 14.88 -32.01
C GLY B 87 -3.44 13.99 -31.22
N PHE B 88 -2.97 14.45 -30.07
CA PHE B 88 -2.11 13.62 -29.23
C PHE B 88 -2.87 12.43 -28.67
N LEU B 89 -4.12 12.65 -28.35
N LEU B 89 -4.14 12.62 -28.32
CA LEU B 89 -4.92 11.56 -27.83
CA LEU B 89 -4.84 11.46 -27.73
C LEU B 89 -4.89 10.43 -28.85
C LEU B 89 -5.04 10.38 -28.82
N ASP B 90 -5.21 10.78 -30.08
CA ASP B 90 -5.28 9.79 -31.14
C ASP B 90 -3.94 9.12 -31.41
N VAL B 91 -2.86 9.88 -31.39
CA VAL B 91 -1.51 9.27 -31.59
C VAL B 91 -1.28 8.22 -30.50
N TRP B 92 -1.60 8.56 -29.26
CA TRP B 92 -1.26 7.66 -28.17
C TRP B 92 -2.19 6.45 -28.12
N THR B 93 -3.44 6.64 -28.53
CA THR B 93 -4.39 5.52 -28.62
C THR B 93 -3.88 4.52 -29.66
N TYR B 94 -3.44 5.07 -30.79
CA TYR B 94 -2.86 4.21 -31.85
C TYR B 94 -1.64 3.50 -31.34
N ASN B 95 -0.76 4.20 -30.66
CA ASN B 95 0.52 3.60 -30.25
C ASN B 95 0.20 2.41 -29.32
N ALA B 96 -0.75 2.61 -28.39
CA ALA B 96 -1.08 1.55 -27.41
C ALA B 96 -1.76 0.37 -28.05
N GLU B 97 -2.76 0.63 -28.91
CA GLU B 97 -3.50 -0.51 -29.50
C GLU B 97 -2.57 -1.30 -30.41
N LEU B 98 -1.77 -0.58 -31.20
CA LEU B 98 -0.88 -1.27 -32.15
C LEU B 98 0.21 -2.06 -31.46
N LEU B 99 0.82 -1.46 -30.46
CA LEU B 99 1.89 -2.13 -29.71
C LEU B 99 1.34 -3.43 -29.08
N VAL B 100 0.15 -3.34 -28.47
CA VAL B 100 -0.42 -4.53 -27.88
C VAL B 100 -0.70 -5.65 -28.96
N LEU B 101 -1.23 -5.29 -30.14
CA LEU B 101 -1.50 -6.35 -31.16
C LEU B 101 -0.17 -6.94 -31.66
N MET B 102 0.81 -6.07 -31.89
CA MET B 102 2.11 -6.56 -32.37
C MET B 102 2.78 -7.45 -31.34
N GLU B 103 2.81 -7.02 -30.10
CA GLU B 103 3.49 -7.81 -29.09
C GLU B 103 2.72 -9.08 -28.79
N ASN B 104 1.38 -9.05 -28.88
CA ASN B 104 0.61 -10.28 -28.66
C ASN B 104 0.97 -11.31 -29.74
N GLU B 105 1.07 -10.87 -30.99
CA GLU B 105 1.48 -11.78 -32.05
CA GLU B 105 1.51 -11.76 -32.06
C GLU B 105 2.83 -12.42 -31.70
N ARG B 106 3.78 -11.59 -31.24
CA ARG B 106 5.12 -12.09 -30.93
C ARG B 106 5.11 -13.02 -29.70
N THR B 107 4.29 -12.69 -28.71
CA THR B 107 4.26 -13.58 -27.50
C THR B 107 3.77 -14.99 -27.89
N LEU B 108 2.73 -15.09 -28.71
CA LEU B 108 2.19 -16.42 -28.96
C LEU B 108 3.21 -17.21 -29.82
N ASP B 109 3.90 -16.51 -30.75
CA ASP B 109 4.96 -17.22 -31.51
C ASP B 109 6.18 -17.58 -30.68
N PHE B 110 6.48 -16.74 -29.68
CA PHE B 110 7.58 -17.03 -28.73
C PHE B 110 7.31 -18.38 -27.99
N HIS B 111 6.08 -18.56 -27.48
CA HIS B 111 5.75 -19.86 -26.89
C HIS B 111 5.95 -21.01 -27.87
N ASP B 112 5.52 -20.81 -29.12
CA ASP B 112 5.64 -21.89 -30.13
C ASP B 112 7.14 -22.20 -30.34
N SER B 113 7.93 -21.15 -30.43
CA SER B 113 9.40 -21.30 -30.55
C SER B 113 9.98 -22.08 -29.35
N ASN B 114 9.51 -21.75 -28.16
CA ASN B 114 10.04 -22.43 -27.01
C ASN B 114 9.71 -23.93 -27.02
N VAL B 115 8.49 -24.28 -27.46
CA VAL B 115 8.13 -25.69 -27.53
C VAL B 115 8.96 -26.40 -28.60
N LYS B 116 9.05 -25.80 -29.78
N LYS B 116 9.04 -25.80 -29.78
CA LYS B 116 9.90 -26.37 -30.80
CA LYS B 116 9.90 -26.36 -30.81
C LYS B 116 11.36 -26.60 -30.33
C LYS B 116 11.36 -26.59 -30.33
N ASN B 117 11.97 -25.59 -29.71
CA ASN B 117 13.35 -25.73 -29.27
C ASN B 117 13.49 -26.81 -28.18
N LEU B 118 12.46 -26.94 -27.30
CA LEU B 118 12.52 -28.04 -26.30
C LEU B 118 12.50 -29.41 -27.00
N TYR B 119 11.62 -29.55 -27.97
CA TYR B 119 11.55 -30.80 -28.73
C TYR B 119 12.91 -31.06 -29.39
N ASP B 120 13.45 -30.06 -30.04
CA ASP B 120 14.77 -30.28 -30.70
C ASP B 120 15.89 -30.58 -29.69
N LYS B 121 15.82 -29.98 -28.49
CA LYS B 121 16.84 -30.24 -27.46
C LYS B 121 16.83 -31.75 -27.13
N VAL B 122 15.64 -32.32 -27.06
CA VAL B 122 15.56 -33.78 -26.78
C VAL B 122 16.01 -34.54 -28.02
N ARG B 123 15.44 -34.22 -29.18
CA ARG B 123 15.81 -34.90 -30.44
C ARG B 123 17.34 -35.00 -30.67
N LEU B 124 18.06 -33.90 -30.41
CA LEU B 124 19.50 -33.85 -30.72
C LEU B 124 20.34 -34.54 -29.64
N GLN B 125 19.79 -34.73 -28.43
CA GLN B 125 20.48 -35.57 -27.43
C GLN B 125 20.31 -37.05 -27.78
N LEU B 126 19.07 -37.46 -28.12
CA LEU B 126 18.74 -38.90 -28.40
C LEU B 126 19.35 -39.42 -29.69
N ARG B 127 19.39 -38.58 -30.73
CA ARG B 127 19.86 -39.03 -32.04
C ARG B 127 19.19 -40.35 -32.44
N ASP B 128 19.97 -41.33 -32.90
CA ASP B 128 19.34 -42.55 -33.29
C ASP B 128 19.19 -43.62 -32.18
N ASN B 129 19.33 -43.20 -30.93
CA ASN B 129 19.01 -44.08 -29.78
C ASN B 129 17.52 -44.11 -29.53
N ALA B 130 16.74 -43.30 -30.24
CA ALA B 130 15.31 -43.38 -30.16
C ALA B 130 14.71 -43.03 -31.52
N LYS B 131 13.48 -43.49 -31.70
CA LYS B 131 12.65 -43.25 -32.91
C LYS B 131 11.73 -42.01 -32.72
N GLU B 132 11.77 -41.07 -33.66
CA GLU B 132 10.82 -39.99 -33.61
C GLU B 132 9.45 -40.43 -34.11
N LEU B 133 8.42 -40.29 -33.30
CA LEU B 133 7.10 -40.84 -33.67
C LEU B 133 6.25 -39.87 -34.50
N GLY B 134 6.61 -38.61 -34.47
CA GLY B 134 6.02 -37.60 -35.33
C GLY B 134 4.96 -36.77 -34.63
N ASN B 135 4.75 -37.01 -33.35
CA ASN B 135 3.64 -36.39 -32.64
C ASN B 135 4.15 -35.66 -31.38
N GLY B 136 5.44 -35.47 -31.32
CA GLY B 136 6.08 -34.85 -30.18
C GLY B 136 6.73 -35.88 -29.26
N CYS B 137 6.55 -37.16 -29.57
CA CYS B 137 7.10 -38.25 -28.75
C CYS B 137 8.26 -39.00 -29.41
N PHE B 138 9.10 -39.61 -28.56
CA PHE B 138 10.24 -40.41 -28.97
C PHE B 138 10.06 -41.78 -28.36
N GLU B 139 10.33 -42.85 -29.12
CA GLU B 139 10.29 -44.19 -28.52
C GLU B 139 11.71 -44.70 -28.45
N PHE B 140 12.19 -44.97 -27.24
CA PHE B 140 13.57 -45.36 -27.07
C PHE B 140 13.86 -46.80 -27.62
N TYR B 141 15.06 -46.97 -28.19
CA TYR B 141 15.53 -48.31 -28.60
C TYR B 141 16.26 -49.00 -27.41
N HIS B 142 16.36 -48.35 -26.28
CA HIS B 142 17.03 -48.95 -25.11
C HIS B 142 16.13 -48.72 -23.93
N LYS B 143 16.30 -49.49 -22.86
CA LYS B 143 15.50 -49.20 -21.67
C LYS B 143 15.95 -47.88 -21.06
N CYS B 144 14.99 -47.07 -20.64
CA CYS B 144 15.33 -45.75 -20.12
C CYS B 144 14.59 -45.54 -18.81
N ASP B 145 15.29 -45.80 -17.70
CA ASP B 145 14.63 -45.78 -16.37
C ASP B 145 14.46 -44.35 -15.87
N ASN B 146 13.96 -44.12 -14.66
CA ASN B 146 13.76 -42.74 -14.24
C ASN B 146 15.01 -41.90 -14.22
N GLU B 147 16.16 -42.43 -13.83
CA GLU B 147 17.33 -41.56 -13.82
C GLU B 147 17.72 -41.19 -15.26
N CYS B 148 17.53 -42.14 -16.17
CA CYS B 148 17.83 -41.88 -17.58
C CYS B 148 16.86 -40.81 -18.14
N MET B 149 15.58 -40.94 -17.85
CA MET B 149 14.62 -39.91 -18.25
C MET B 149 15.05 -38.57 -17.67
N GLU B 150 15.49 -38.54 -16.43
CA GLU B 150 15.85 -37.24 -15.88
C GLU B 150 17.09 -36.68 -16.60
N SER B 151 18.00 -37.56 -17.04
CA SER B 151 19.15 -37.06 -17.78
C SER B 151 18.71 -36.42 -19.11
N VAL B 152 17.65 -36.96 -19.73
CA VAL B 152 17.11 -36.33 -20.96
C VAL B 152 16.52 -34.96 -20.65
N ARG B 153 15.73 -34.90 -19.59
CA ARG B 153 15.08 -33.65 -19.26
C ARG B 153 16.08 -32.56 -18.82
N ASN B 154 17.21 -32.96 -18.24
CA ASN B 154 18.18 -31.95 -17.79
C ASN B 154 19.40 -31.73 -18.69
N GLY B 155 19.38 -32.32 -19.88
CA GLY B 155 20.39 -32.08 -20.90
C GLY B 155 21.71 -32.81 -20.65
N THR B 156 21.68 -33.92 -19.94
CA THR B 156 22.92 -34.65 -19.66
C THR B 156 22.87 -36.08 -20.15
N TYR B 157 21.89 -36.37 -21.01
CA TYR B 157 21.72 -37.70 -21.56
C TYR B 157 23.03 -38.17 -22.12
N ASP B 158 23.36 -39.43 -21.85
CA ASP B 158 24.68 -39.92 -22.22
C ASP B 158 24.53 -40.90 -23.38
N TYR B 159 24.62 -40.39 -24.60
CA TYR B 159 24.38 -41.21 -25.77
C TYR B 159 25.31 -42.46 -25.85
N PRO B 160 26.62 -42.26 -25.65
CA PRO B 160 27.52 -43.42 -25.73
C PRO B 160 27.16 -44.56 -24.76
N GLN B 161 26.61 -44.22 -23.61
CA GLN B 161 26.24 -45.24 -22.61
C GLN B 161 25.24 -46.24 -23.16
N TYR B 162 24.32 -45.76 -24.01
CA TYR B 162 23.21 -46.59 -24.48
C TYR B 162 23.36 -46.96 -25.95
N SER B 163 24.42 -46.49 -26.58
CA SER B 163 24.44 -46.68 -28.06
C SER B 163 24.50 -48.14 -28.57
N GLU B 164 25.20 -49.00 -27.85
CA GLU B 164 25.23 -50.39 -28.24
C GLU B 164 23.91 -51.12 -28.00
N GLU B 165 23.27 -50.85 -26.87
CA GLU B 165 21.96 -51.45 -26.63
C GLU B 165 20.98 -51.01 -27.70
N ALA B 166 21.04 -49.71 -28.02
CA ALA B 166 20.14 -49.23 -29.04
C ALA B 166 20.47 -49.85 -30.41
N ARG B 167 21.75 -49.95 -30.75
CA ARG B 167 22.14 -50.56 -32.05
C ARG B 167 21.61 -51.97 -32.18
N LEU B 168 21.75 -52.75 -31.09
CA LEU B 168 21.22 -54.11 -31.15
C LEU B 168 19.74 -54.12 -31.38
N LYS B 169 19.02 -53.22 -30.74
CA LYS B 169 17.58 -53.24 -30.88
C LYS B 169 17.20 -52.73 -32.31
N ARG B 170 17.91 -51.68 -32.76
CA ARG B 170 17.60 -51.12 -34.11
C ARG B 170 17.80 -52.21 -35.14
N GLU B 171 18.84 -53.02 -34.96
CA GLU B 171 19.16 -54.12 -35.90
C GLU B 171 18.15 -55.24 -35.86
N GLU B 172 17.69 -55.58 -34.64
N GLU B 172 17.69 -55.60 -34.65
CA GLU B 172 16.63 -56.57 -34.49
CA GLU B 172 16.63 -56.60 -34.52
C GLU B 172 15.41 -56.16 -35.27
C GLU B 172 15.45 -56.15 -35.34
N ILE B 173 15.06 -54.89 -35.15
CA ILE B 173 13.89 -54.37 -35.83
C ILE B 173 14.12 -54.33 -37.34
N SER B 174 15.27 -53.84 -37.75
CA SER B 174 15.53 -53.64 -39.17
C SER B 174 15.67 -54.98 -39.91
N SER B 175 16.19 -55.99 -39.22
CA SER B 175 16.26 -57.40 -39.68
C SER B 175 14.92 -58.11 -39.77
N GLY B 176 13.92 -57.62 -39.05
CA GLY B 176 12.58 -58.16 -39.14
C GLY B 176 12.46 -59.53 -38.51
N GLN C 1 18.69 -5.06 -4.99
CA GLN C 1 18.29 -6.12 -4.07
C GLN C 1 16.85 -5.91 -3.58
N VAL C 2 16.00 -6.83 -4.01
CA VAL C 2 14.59 -6.77 -3.67
C VAL C 2 14.36 -6.94 -2.17
N GLN C 3 13.41 -6.16 -1.64
CA GLN C 3 12.94 -6.40 -0.30
C GLN C 3 11.44 -6.58 -0.39
N LEU C 4 10.89 -7.42 0.47
CA LEU C 4 9.41 -7.55 0.49
C LEU C 4 8.96 -6.80 1.75
N VAL C 5 8.02 -5.88 1.59
CA VAL C 5 7.54 -5.02 2.70
C VAL C 5 6.05 -5.26 2.86
N GLN C 6 5.68 -5.77 4.03
CA GLN C 6 4.29 -6.11 4.29
C GLN C 6 3.55 -4.97 4.97
N SER C 7 2.23 -5.04 4.91
CA SER C 7 1.39 -4.08 5.59
C SER C 7 1.45 -4.31 7.09
N GLY C 8 0.88 -3.36 7.81
CA GLY C 8 1.02 -3.31 9.25
C GLY C 8 0.11 -4.20 10.09
N ALA C 9 0.35 -4.21 11.39
CA ALA C 9 -0.41 -5.14 12.27
C ALA C 9 -1.92 -4.90 12.19
N GLU C 10 -2.66 -5.96 12.37
CA GLU C 10 -4.14 -5.94 12.25
C GLU C 10 -4.77 -6.48 13.54
N VAL C 11 -5.86 -5.85 13.98
CA VAL C 11 -6.66 -6.32 15.13
C VAL C 11 -8.09 -6.52 14.61
N LYS C 12 -8.57 -7.75 14.69
CA LYS C 12 -9.78 -8.15 14.01
C LYS C 12 -10.72 -8.85 14.98
N LYS C 13 -12.02 -8.70 14.73
CA LYS C 13 -13.00 -9.39 15.54
C LYS C 13 -13.43 -10.69 14.89
N PRO C 14 -13.92 -11.65 15.66
CA PRO C 14 -14.33 -12.95 15.10
C PRO C 14 -15.33 -12.86 13.98
N GLY C 15 -15.08 -13.64 12.94
CA GLY C 15 -15.94 -13.68 11.77
C GLY C 15 -15.55 -12.70 10.71
N SER C 16 -14.65 -11.79 11.03
CA SER C 16 -14.25 -10.78 10.04
C SER C 16 -13.22 -11.34 9.04
N SER C 17 -12.78 -10.51 8.11
N SER C 17 -12.78 -10.50 8.12
CA SER C 17 -11.73 -10.88 7.14
CA SER C 17 -11.74 -10.88 7.16
C SER C 17 -10.56 -9.91 7.22
C SER C 17 -10.54 -9.95 7.33
N VAL C 18 -9.36 -10.38 6.87
CA VAL C 18 -8.16 -9.53 6.92
C VAL C 18 -7.48 -9.69 5.57
N LYS C 19 -6.99 -8.60 5.00
CA LYS C 19 -6.24 -8.73 3.76
C LYS C 19 -4.87 -8.09 3.94
N VAL C 20 -3.81 -8.87 3.82
CA VAL C 20 -2.46 -8.40 4.11
C VAL C 20 -1.76 -8.23 2.73
N SER C 21 -0.94 -7.20 2.60
CA SER C 21 -0.22 -6.97 1.33
C SER C 21 1.27 -7.19 1.51
N CYS C 22 1.93 -7.46 0.37
CA CYS C 22 3.38 -7.75 0.33
C CYS C 22 3.91 -7.03 -0.91
N LYS C 23 4.61 -5.92 -0.69
CA LYS C 23 5.11 -5.14 -1.85
C LYS C 23 6.57 -5.45 -2.14
N SER C 24 6.88 -5.71 -3.40
N SER C 24 6.87 -5.76 -3.40
CA SER C 24 8.25 -6.03 -3.79
CA SER C 24 8.25 -5.99 -3.80
C SER C 24 8.88 -4.70 -4.18
C SER C 24 8.82 -4.64 -4.13
N SER C 25 9.88 -4.28 -3.41
CA SER C 25 10.52 -2.99 -3.67
C SER C 25 11.94 -3.20 -4.06
N GLY C 26 12.45 -2.30 -4.89
CA GLY C 26 13.80 -2.50 -5.33
C GLY C 26 13.86 -3.42 -6.52
N GLY C 27 12.70 -3.69 -7.12
CA GLY C 27 12.68 -4.63 -8.25
C GLY C 27 11.40 -5.45 -8.19
N THR C 28 11.02 -6.08 -9.31
CA THR C 28 9.76 -6.84 -9.34
C THR C 28 10.00 -8.24 -8.88
N SER C 29 8.90 -8.86 -8.43
CA SER C 29 8.90 -10.27 -8.11
C SER C 29 7.88 -11.01 -8.98
N ASN C 30 7.45 -10.37 -10.07
CA ASN C 30 6.34 -10.95 -10.84
C ASN C 30 6.69 -12.22 -11.57
N ASN C 31 7.98 -12.44 -11.81
CA ASN C 31 8.48 -13.62 -12.50
C ASN C 31 8.81 -14.76 -11.53
N TYR C 32 8.46 -14.59 -10.24
CA TYR C 32 8.71 -15.62 -9.21
C TYR C 32 7.37 -15.99 -8.54
N ALA C 33 7.34 -17.16 -7.91
CA ALA C 33 6.25 -17.50 -6.96
C ALA C 33 6.52 -16.79 -5.63
N ILE C 34 5.43 -16.25 -5.04
CA ILE C 34 5.48 -15.78 -3.65
C ILE C 34 4.46 -16.62 -2.86
N SER C 35 4.91 -17.15 -1.72
CA SER C 35 4.02 -17.88 -0.86
C SER C 35 3.64 -17.06 0.36
N TRP C 36 2.55 -17.46 1.00
CA TRP C 36 2.20 -16.91 2.30
C TRP C 36 2.30 -18.05 3.33
N VAL C 37 2.97 -17.76 4.43
CA VAL C 37 3.29 -18.80 5.43
C VAL C 37 2.94 -18.17 6.79
N ARG C 38 2.16 -18.86 7.65
CA ARG C 38 1.86 -18.22 8.89
C ARG C 38 2.50 -18.95 10.05
N GLN C 39 2.56 -18.29 11.19
CA GLN C 39 3.17 -18.94 12.37
C GLN C 39 2.33 -18.51 13.61
N ALA C 40 1.54 -19.47 14.08
CA ALA C 40 0.72 -19.20 15.29
C ALA C 40 1.63 -19.12 16.51
N PRO C 41 1.17 -18.47 17.59
CA PRO C 41 2.10 -18.19 18.69
C PRO C 41 2.65 -19.46 19.24
N GLY C 42 3.97 -19.49 19.31
CA GLY C 42 4.64 -20.66 19.85
C GLY C 42 4.63 -21.85 18.91
N GLN C 43 4.09 -21.70 17.70
CA GLN C 43 4.00 -22.86 16.82
C GLN C 43 4.95 -22.73 15.60
N GLY C 44 4.82 -23.70 14.72
CA GLY C 44 5.75 -23.78 13.61
C GLY C 44 5.19 -23.05 12.40
N LEU C 45 6.00 -23.02 11.35
CA LEU C 45 5.57 -22.46 10.05
C LEU C 45 4.54 -23.33 9.36
N ASP C 46 3.59 -22.68 8.67
CA ASP C 46 2.48 -23.41 8.06
C ASP C 46 2.16 -22.71 6.72
N TRP C 47 2.22 -23.44 5.63
CA TRP C 47 1.97 -22.85 4.30
C TRP C 47 0.52 -22.61 4.06
N MET C 48 0.21 -21.43 3.57
CA MET C 48 -1.21 -21.11 3.25
C MET C 48 -1.50 -21.31 1.77
N GLY C 49 -0.49 -21.05 0.92
CA GLY C 49 -0.71 -21.08 -0.54
C GLY C 49 0.29 -20.11 -1.17
N GLY C 50 0.19 -19.91 -2.50
CA GLY C 50 1.09 -18.97 -3.16
C GLY C 50 0.53 -18.50 -4.50
N ILE C 51 1.27 -17.60 -5.14
CA ILE C 51 0.86 -17.11 -6.44
C ILE C 51 2.10 -16.82 -7.26
N SER C 52 1.99 -17.05 -8.59
CA SER C 52 3.13 -16.77 -9.48
C SER C 52 2.39 -16.05 -10.65
N PRO C 53 2.37 -14.72 -10.61
CA PRO C 53 1.31 -14.00 -11.36
C PRO C 53 1.52 -13.90 -12.87
N ILE C 54 2.75 -13.87 -13.37
CA ILE C 54 2.90 -13.92 -14.83
C ILE C 54 2.69 -15.35 -15.35
N PHE C 55 3.29 -16.30 -14.68
CA PHE C 55 3.09 -17.74 -14.99
C PHE C 55 1.61 -18.06 -15.02
N GLY C 56 0.87 -17.47 -14.08
CA GLY C 56 -0.56 -17.62 -14.02
C GLY C 56 -1.12 -18.62 -13.01
N SER C 57 -0.32 -18.94 -12.00
CA SER C 57 -0.68 -19.98 -11.05
C SER C 57 -1.09 -19.33 -9.73
N THR C 58 -2.17 -19.85 -9.14
CA THR C 58 -2.42 -19.58 -7.70
C THR C 58 -2.63 -20.92 -7.04
N ALA C 59 -1.95 -21.20 -5.92
CA ALA C 59 -2.12 -22.48 -5.27
C ALA C 59 -2.53 -22.30 -3.80
N TYR C 60 -3.25 -23.28 -3.25
CA TYR C 60 -3.73 -23.17 -1.88
C TYR C 60 -3.48 -24.47 -1.16
N ALA C 61 -3.10 -24.37 0.12
CA ALA C 61 -3.08 -25.53 0.98
C ALA C 61 -4.51 -26.03 1.17
N GLN C 62 -4.64 -27.35 1.10
CA GLN C 62 -5.95 -27.98 1.31
C GLN C 62 -6.57 -27.53 2.62
N LYS C 63 -5.77 -27.41 3.68
CA LYS C 63 -6.37 -27.05 4.96
C LYS C 63 -6.99 -25.62 5.02
N PHE C 64 -6.62 -24.76 4.06
CA PHE C 64 -7.17 -23.38 3.94
C PHE C 64 -7.99 -23.13 2.70
N GLN C 65 -8.06 -24.12 1.83
CA GLN C 65 -8.84 -24.00 0.62
C GLN C 65 -10.28 -23.50 0.96
N GLY C 66 -10.71 -22.49 0.22
CA GLY C 66 -12.04 -21.98 0.42
C GLY C 66 -12.14 -20.85 1.40
N ARG C 67 -11.17 -20.72 2.33
CA ARG C 67 -11.23 -19.66 3.30
C ARG C 67 -10.22 -18.55 3.02
N VAL C 68 -9.22 -18.87 2.19
CA VAL C 68 -8.19 -17.88 1.87
C VAL C 68 -8.24 -17.56 0.35
N THR C 69 -8.01 -16.28 0.04
CA THR C 69 -7.89 -15.85 -1.36
C THR C 69 -6.53 -15.18 -1.53
N ILE C 70 -5.70 -15.68 -2.44
CA ILE C 70 -4.39 -15.07 -2.67
C ILE C 70 -4.45 -14.44 -4.07
N SER C 71 -3.87 -13.27 -4.20
CA SER C 71 -3.99 -12.50 -5.43
C SER C 71 -2.76 -11.65 -5.62
N ALA C 72 -2.65 -11.00 -6.78
CA ALA C 72 -1.50 -10.14 -7.05
C ALA C 72 -1.84 -9.03 -7.99
N ASP C 73 -1.13 -7.91 -7.88
CA ASP C 73 -1.29 -6.80 -8.82
C ASP C 73 0.08 -6.64 -9.48
N ILE C 74 0.23 -7.08 -10.74
CA ILE C 74 1.56 -7.04 -11.29
C ILE C 74 2.01 -5.60 -11.50
N PHE C 75 1.07 -4.65 -11.60
CA PHE C 75 1.46 -3.28 -11.93
C PHE C 75 2.01 -2.51 -10.73
N SER C 76 1.62 -2.91 -9.52
CA SER C 76 2.19 -2.30 -8.30
C SER C 76 3.18 -3.23 -7.64
N ASN C 77 3.48 -4.36 -8.29
CA ASN C 77 4.42 -5.32 -7.71
C ASN C 77 3.98 -5.77 -6.31
N THR C 78 2.70 -6.03 -6.15
CA THR C 78 2.22 -6.38 -4.78
C THR C 78 1.46 -7.70 -4.81
N ALA C 79 1.64 -8.55 -3.79
CA ALA C 79 0.86 -9.78 -3.65
C ALA C 79 -0.03 -9.60 -2.40
N TYR C 80 -1.13 -10.33 -2.35
CA TYR C 80 -2.07 -10.13 -1.23
C TYR C 80 -2.55 -11.51 -0.73
N MET C 81 -2.92 -11.55 0.55
CA MET C 81 -3.54 -12.74 1.13
C MET C 81 -4.78 -12.22 1.91
N GLU C 82 -5.96 -12.75 1.60
CA GLU C 82 -7.15 -12.36 2.35
C GLU C 82 -7.68 -13.62 3.04
N LEU C 83 -7.81 -13.58 4.38
CA LEU C 83 -8.27 -14.77 5.10
C LEU C 83 -9.63 -14.39 5.70
N ASN C 84 -10.64 -15.21 5.45
CA ASN C 84 -12.03 -14.87 5.86
C ASN C 84 -12.44 -15.66 7.10
N SER C 85 -13.58 -15.28 7.65
CA SER C 85 -14.13 -16.01 8.82
C SER C 85 -13.14 -16.23 9.97
N LEU C 86 -12.47 -15.16 10.38
CA LEU C 86 -11.39 -15.24 11.37
C LEU C 86 -11.87 -15.73 12.75
N THR C 87 -11.07 -16.59 13.37
CA THR C 87 -11.29 -16.93 14.81
C THR C 87 -9.96 -16.77 15.53
N SER C 88 -9.94 -17.04 16.84
CA SER C 88 -8.70 -16.92 17.58
C SER C 88 -7.63 -17.91 17.08
N GLU C 89 -8.05 -18.98 16.40
CA GLU C 89 -7.11 -19.95 15.80
C GLU C 89 -6.27 -19.28 14.70
N ASP C 90 -6.71 -18.13 14.21
CA ASP C 90 -5.97 -17.43 13.13
C ASP C 90 -5.06 -16.36 13.66
N THR C 91 -5.07 -16.15 14.99
CA THR C 91 -4.11 -15.21 15.54
C THR C 91 -2.69 -15.80 15.29
N ALA C 92 -1.84 -15.01 14.64
CA ALA C 92 -0.53 -15.53 14.09
C ALA C 92 0.22 -14.39 13.47
N VAL C 93 1.50 -14.64 13.13
CA VAL C 93 2.22 -13.70 12.32
C VAL C 93 2.18 -14.31 10.92
N TYR C 94 1.87 -13.47 9.92
CA TYR C 94 1.73 -13.98 8.55
C TYR C 94 2.93 -13.42 7.76
N PHE C 95 3.67 -14.29 7.05
CA PHE C 95 4.82 -13.82 6.25
C PHE C 95 4.54 -14.06 4.79
N CYS C 96 5.02 -13.14 3.94
CA CYS C 96 5.14 -13.48 2.53
C CYS C 96 6.57 -13.85 2.23
N ALA C 97 6.79 -14.76 1.28
CA ALA C 97 8.19 -15.16 0.99
C ALA C 97 8.28 -15.50 -0.48
N ARG C 98 9.41 -15.09 -1.07
CA ARG C 98 9.59 -15.36 -2.52
C ARG C 98 10.47 -16.59 -2.71
N HIS C 99 10.04 -17.49 -3.61
CA HIS C 99 10.75 -18.69 -3.99
C HIS C 99 11.93 -18.33 -4.95
N GLY C 100 12.83 -19.29 -5.12
CA GLY C 100 14.01 -19.06 -5.95
C GLY C 100 13.63 -19.01 -7.44
N ASN C 101 12.42 -19.42 -7.79
CA ASN C 101 11.99 -19.40 -9.20
C ASN C 101 10.48 -19.24 -9.27
N TYR C 102 9.87 -19.51 -10.41
CA TYR C 102 8.44 -19.25 -10.63
C TYR C 102 7.47 -20.19 -9.93
N TYR C 103 7.95 -21.19 -9.18
CA TYR C 103 7.02 -22.15 -8.63
C TYR C 103 7.41 -22.44 -7.16
N TYR C 104 6.63 -23.33 -6.52
CA TYR C 104 6.59 -23.36 -5.02
C TYR C 104 7.57 -24.44 -4.46
N TYR C 105 8.24 -25.19 -5.33
CA TYR C 105 9.15 -26.22 -4.84
C TYR C 105 10.45 -25.64 -4.33
N SER C 106 10.94 -24.61 -5.00
CA SER C 106 12.25 -24.02 -4.70
C SER C 106 12.30 -23.39 -3.30
N GLY C 107 13.48 -23.36 -2.67
CA GLY C 107 13.62 -22.71 -1.34
C GLY C 107 13.11 -21.24 -1.38
N MET C 108 12.48 -20.81 -0.26
CA MET C 108 12.02 -19.47 -0.18
C MET C 108 13.18 -18.60 0.35
N ASP C 109 13.75 -17.75 -0.50
CA ASP C 109 14.93 -17.03 -0.06
C ASP C 109 14.79 -15.57 0.28
N VAL C 110 13.66 -14.92 -0.04
CA VAL C 110 13.50 -13.54 0.32
C VAL C 110 12.22 -13.49 1.13
N TRP C 111 12.26 -12.93 2.34
CA TRP C 111 11.04 -12.94 3.20
C TRP C 111 10.63 -11.54 3.56
N GLY C 112 9.33 -11.34 3.68
CA GLY C 112 8.83 -10.11 4.23
C GLY C 112 9.03 -10.09 5.77
N GLN C 113 8.69 -8.95 6.38
CA GLN C 113 8.98 -8.77 7.80
C GLN C 113 7.95 -9.43 8.72
N GLY C 114 6.82 -9.82 8.14
CA GLY C 114 5.74 -10.43 8.88
C GLY C 114 4.70 -9.38 9.26
N THR C 115 3.47 -9.87 9.39
CA THR C 115 2.33 -9.05 9.83
C THR C 115 1.59 -9.80 10.88
N THR C 116 1.46 -9.14 12.07
CA THR C 116 0.76 -9.77 13.18
C THR C 116 -0.73 -9.54 12.99
N VAL C 117 -1.51 -10.61 13.11
CA VAL C 117 -2.98 -10.47 13.11
C VAL C 117 -3.46 -11.02 14.44
N THR C 118 -4.24 -10.20 15.18
CA THR C 118 -4.74 -10.61 16.50
C THR C 118 -6.25 -10.62 16.44
N VAL C 119 -6.86 -11.76 16.73
CA VAL C 119 -8.32 -11.90 16.58
C VAL C 119 -8.91 -11.98 18.02
N SER C 120 -9.84 -11.08 18.32
CA SER C 120 -10.36 -11.00 19.72
C SER C 120 -11.73 -10.33 19.67
N SER C 121 -12.62 -10.74 20.59
CA SER C 121 -13.93 -10.07 20.68
C SER C 121 -13.90 -8.88 21.65
N ALA C 122 -12.72 -8.55 22.17
CA ALA C 122 -12.62 -7.41 23.07
C ALA C 122 -12.87 -6.09 22.33
N SER C 123 -13.43 -5.12 23.07
CA SER C 123 -13.67 -3.80 22.55
C SER C 123 -12.52 -2.89 22.92
N THR C 124 -12.16 -2.03 21.99
CA THR C 124 -11.22 -0.93 22.27
C THR C 124 -11.50 -0.19 23.59
N LYS C 125 -10.47 -0.06 24.42
CA LYS C 125 -10.63 0.51 25.74
C LYS C 125 -9.28 1.07 26.16
N GLY C 126 -9.27 2.34 26.56
CA GLY C 126 -8.04 2.97 27.04
C GLY C 126 -7.74 2.53 28.45
N PRO C 127 -6.47 2.62 28.84
CA PRO C 127 -5.98 2.13 30.13
C PRO C 127 -6.35 3.07 31.29
N SER C 128 -6.50 2.49 32.48
CA SER C 128 -6.45 3.23 33.74
C SER C 128 -5.04 3.08 34.30
N VAL C 129 -4.37 4.21 34.58
CA VAL C 129 -2.97 4.20 35.00
C VAL C 129 -2.78 4.58 36.47
N PHE C 130 -2.07 3.72 37.21
CA PHE C 130 -1.81 3.96 38.62
C PHE C 130 -0.32 4.10 38.94
N PRO C 131 -0.01 4.89 39.98
CA PRO C 131 1.40 5.04 40.31
C PRO C 131 1.89 3.88 41.19
N LEU C 132 3.16 3.54 41.02
CA LEU C 132 3.83 2.51 41.81
C LEU C 132 4.91 3.24 42.59
N ALA C 133 4.63 3.52 43.87
CA ALA C 133 5.52 4.36 44.70
C ALA C 133 6.74 3.63 45.27
N PRO C 134 7.90 4.32 45.33
CA PRO C 134 9.13 3.76 45.90
C PRO C 134 8.95 3.36 47.37
N GLY C 141 20.35 3.93 50.72
CA GLY C 141 19.74 3.06 49.72
C GLY C 141 20.52 2.94 48.43
N GLY C 142 21.00 4.08 47.93
CA GLY C 142 21.71 4.11 46.65
C GLY C 142 20.76 4.35 45.49
N THR C 143 19.93 3.36 45.20
CA THR C 143 18.99 3.44 44.07
C THR C 143 17.61 2.99 44.47
N ALA C 144 16.59 3.53 43.79
CA ALA C 144 15.20 3.19 44.06
C ALA C 144 14.44 2.75 42.79
N ALA C 145 13.32 2.06 43.01
CA ALA C 145 12.45 1.59 41.92
C ALA C 145 11.03 2.15 42.04
N LEU C 146 10.63 2.92 41.04
CA LEU C 146 9.27 3.44 41.00
C LEU C 146 8.69 3.27 39.59
N GLY C 147 7.38 3.14 39.48
CA GLY C 147 6.78 2.93 38.18
C GLY C 147 5.33 3.31 38.00
N CYS C 148 4.75 2.85 36.90
CA CYS C 148 3.33 3.05 36.62
C CYS C 148 2.72 1.74 36.25
N LEU C 149 1.50 1.51 36.71
CA LEU C 149 0.76 0.32 36.34
C LEU C 149 -0.24 0.74 35.28
N VAL C 150 -0.21 0.08 34.12
CA VAL C 150 -1.09 0.48 33.03
C VAL C 150 -2.13 -0.59 32.83
N LYS C 151 -3.35 -0.33 33.31
CA LYS C 151 -4.37 -1.34 33.51
C LYS C 151 -5.53 -1.39 32.50
N ASP C 152 -5.90 -2.63 32.16
CA ASP C 152 -7.15 -2.95 31.49
C ASP C 152 -7.32 -2.15 30.20
N TYR C 153 -6.43 -2.35 29.22
CA TYR C 153 -6.58 -1.69 27.93
C TYR C 153 -6.67 -2.77 26.79
N PHE C 154 -7.17 -2.33 25.65
CA PHE C 154 -7.24 -3.17 24.48
C PHE C 154 -7.40 -2.28 23.27
N PRO C 155 -6.65 -2.60 22.19
CA PRO C 155 -5.66 -3.68 22.02
C PRO C 155 -4.25 -3.14 22.28
N GLU C 156 -3.24 -3.99 22.16
CA GLU C 156 -1.86 -3.50 22.08
C GLU C 156 -1.74 -2.59 20.90
N PRO C 157 -0.77 -1.65 20.93
CA PRO C 157 0.19 -1.45 22.02
C PRO C 157 -0.06 -0.17 22.81
N VAL C 158 0.69 -0.04 23.89
CA VAL C 158 0.74 1.19 24.67
C VAL C 158 2.18 1.68 24.59
N THR C 159 2.39 3.00 24.52
CA THR C 159 3.76 3.52 24.72
C THR C 159 3.85 4.24 26.06
N VAL C 160 4.94 4.01 26.76
CA VAL C 160 5.17 4.71 28.01
C VAL C 160 6.49 5.46 27.95
N SER C 161 6.47 6.75 28.27
CA SER C 161 7.69 7.54 28.43
C SER C 161 7.71 8.10 29.85
N TRP C 162 8.90 8.56 30.27
CA TRP C 162 9.05 9.22 31.57
C TRP C 162 9.53 10.65 31.43
N ASN C 163 8.91 11.54 32.22
CA ASN C 163 9.24 12.96 32.12
C ASN C 163 9.26 13.47 30.66
N SER C 164 8.20 13.16 29.92
CA SER C 164 8.05 13.62 28.52
C SER C 164 9.20 13.21 27.60
N GLY C 165 9.85 12.09 27.92
CA GLY C 165 10.91 11.54 27.11
C GLY C 165 12.28 11.93 27.59
N ALA C 166 12.32 12.77 28.62
CA ALA C 166 13.58 13.30 29.14
C ALA C 166 14.35 12.25 29.95
N LEU C 167 13.62 11.34 30.56
CA LEU C 167 14.25 10.27 31.35
C LEU C 167 14.16 8.95 30.61
N THR C 168 15.29 8.49 30.07
CA THR C 168 15.35 7.23 29.35
C THR C 168 16.13 6.14 30.12
N SER C 169 17.12 6.56 30.91
CA SER C 169 17.98 5.64 31.66
C SER C 169 17.29 4.89 32.81
N GLY C 170 17.50 3.58 32.89
CA GLY C 170 16.99 2.79 33.99
C GLY C 170 15.52 2.45 33.81
N VAL C 171 14.98 2.79 32.65
CA VAL C 171 13.59 2.49 32.32
C VAL C 171 13.42 1.07 31.76
N HIS C 172 12.50 0.31 32.36
CA HIS C 172 12.19 -1.05 31.94
C HIS C 172 10.67 -1.22 31.80
N THR C 173 10.15 -1.14 30.58
CA THR C 173 8.71 -1.38 30.38
C THR C 173 8.48 -2.86 30.07
N PHE C 174 7.75 -3.54 30.94
CA PHE C 174 7.58 -4.98 30.84
C PHE C 174 6.52 -5.34 29.79
N PRO C 175 6.70 -6.48 29.10
CA PRO C 175 5.62 -6.92 28.20
C PRO C 175 4.30 -7.12 28.98
N ALA C 176 3.19 -6.73 28.34
CA ALA C 176 1.86 -6.87 28.90
C ALA C 176 1.45 -8.31 29.22
N VAL C 177 0.61 -8.45 30.22
CA VAL C 177 -0.05 -9.72 30.43
C VAL C 177 -1.45 -9.63 29.77
N LEU C 178 -1.89 -10.72 29.18
CA LEU C 178 -3.21 -10.73 28.53
C LEU C 178 -4.16 -11.45 29.50
N GLN C 179 -5.11 -10.72 30.06
CA GLN C 179 -6.01 -11.31 31.06
C GLN C 179 -7.06 -12.21 30.43
N SER C 180 -7.72 -13.02 31.26
CA SER C 180 -8.81 -13.84 30.75
C SER C 180 -9.99 -12.96 30.30
N SER C 181 -10.05 -11.71 30.77
CA SER C 181 -11.09 -10.78 30.32
C SER C 181 -10.92 -10.44 28.84
N GLY C 182 -9.68 -10.49 28.38
CA GLY C 182 -9.35 -10.13 27.02
C GLY C 182 -8.64 -8.81 27.00
N LEU C 183 -8.47 -8.21 28.17
CA LEU C 183 -7.76 -6.94 28.23
C LEU C 183 -6.32 -7.15 28.64
N TYR C 184 -5.47 -6.16 28.33
CA TYR C 184 -4.05 -6.23 28.69
C TYR C 184 -3.80 -5.35 29.90
N SER C 185 -2.70 -5.61 30.59
CA SER C 185 -2.14 -4.70 31.59
C SER C 185 -0.64 -4.82 31.49
N LEU C 186 0.06 -3.69 31.66
CA LEU C 186 1.53 -3.74 31.77
C LEU C 186 2.05 -2.80 32.86
N SER C 187 3.34 -2.91 33.16
CA SER C 187 3.98 -2.04 34.14
C SER C 187 5.25 -1.46 33.54
N SER C 188 5.55 -0.20 33.87
CA SER C 188 6.82 0.39 33.50
C SER C 188 7.50 0.79 34.81
N VAL C 189 8.73 0.37 35.00
CA VAL C 189 9.44 0.73 36.23
C VAL C 189 10.77 1.39 35.86
N VAL C 190 11.11 2.46 36.58
CA VAL C 190 12.40 3.10 36.36
C VAL C 190 13.23 3.04 37.64
N THR C 191 14.52 2.76 37.46
CA THR C 191 15.46 2.69 38.57
C THR C 191 16.31 3.97 38.59
N VAL C 192 16.23 4.68 39.71
CA VAL C 192 16.85 6.00 39.87
C VAL C 192 17.59 6.08 41.20
N PRO C 193 18.52 7.05 41.33
CA PRO C 193 19.18 7.39 42.61
C PRO C 193 18.21 7.85 43.71
N SER C 194 18.23 7.20 44.88
CA SER C 194 17.25 7.50 45.93
C SER C 194 17.47 8.87 46.60
N SER C 195 18.66 9.42 46.40
CA SER C 195 18.95 10.79 46.80
C SER C 195 18.07 11.74 45.98
N SER C 196 18.03 11.47 44.69
CA SER C 196 17.22 12.23 43.74
C SER C 196 15.75 11.84 43.87
N LEU C 197 15.11 12.25 44.95
CA LEU C 197 13.77 11.77 45.27
C LEU C 197 12.92 12.89 45.86
N GLY C 198 13.52 13.67 46.76
CA GLY C 198 12.88 14.87 47.26
C GLY C 198 13.35 16.09 46.47
N THR C 199 13.77 15.86 45.22
CA THR C 199 14.20 16.94 44.33
C THR C 199 13.57 16.82 42.94
N GLN C 200 13.97 15.76 42.22
CA GLN C 200 13.44 15.51 40.89
C GLN C 200 12.03 14.90 40.96
N THR C 201 11.11 15.42 40.12
CA THR C 201 9.76 14.85 40.00
C THR C 201 9.70 13.73 38.95
N TYR C 202 8.88 12.72 39.20
CA TYR C 202 8.78 11.62 38.24
C TYR C 202 7.34 11.45 37.74
N ILE C 203 7.20 11.63 36.42
CA ILE C 203 5.91 11.52 35.73
C ILE C 203 5.99 10.50 34.58
N CYS C 204 5.06 9.55 34.57
CA CYS C 204 4.98 8.67 33.41
C CYS C 204 3.89 9.16 32.47
N ASN C 205 4.18 9.06 31.19
CA ASN C 205 3.24 9.47 30.15
C ASN C 205 2.79 8.23 29.37
N VAL C 206 1.49 7.96 29.36
CA VAL C 206 1.02 6.72 28.79
C VAL C 206 0.18 7.06 27.57
N ASN C 207 0.60 6.59 26.40
CA ASN C 207 -0.16 6.86 25.19
C ASN C 207 -0.78 5.56 24.64
N HIS C 208 -2.10 5.58 24.44
CA HIS C 208 -2.82 4.47 23.81
C HIS C 208 -3.55 4.98 22.58
N LYS C 209 -2.86 4.92 21.48
CA LYS C 209 -3.42 5.41 20.22
C LYS C 209 -4.81 4.88 19.88
N PRO C 210 -5.02 3.54 19.94
CA PRO C 210 -6.32 3.04 19.47
C PRO C 210 -7.54 3.67 20.17
N SER C 211 -7.40 4.09 21.42
CA SER C 211 -8.53 4.74 22.10
C SER C 211 -8.34 6.26 22.16
N ASN C 212 -7.31 6.73 21.46
CA ASN C 212 -6.77 8.09 21.63
C ASN C 212 -6.70 8.54 23.10
N THR C 213 -6.13 7.71 23.96
CA THR C 213 -5.95 8.02 25.37
C THR C 213 -4.53 8.58 25.56
N LYS C 214 -4.39 9.66 26.31
CA LYS C 214 -3.05 10.10 26.69
C LYS C 214 -3.09 10.58 28.14
N VAL C 215 -2.39 9.87 29.00
CA VAL C 215 -2.41 10.18 30.42
C VAL C 215 -1.00 10.45 30.98
N ASP C 216 -0.89 11.49 31.82
CA ASP C 216 0.32 11.67 32.63
C ASP C 216 0.01 11.25 34.06
N LYS C 217 0.99 10.68 34.75
CA LYS C 217 0.73 10.25 36.12
C LYS C 217 1.97 10.47 36.97
N ARG C 218 1.79 11.26 38.02
CA ARG C 218 2.91 11.62 38.87
C ARG C 218 3.13 10.51 39.89
N VAL C 219 4.39 10.14 40.06
CA VAL C 219 4.68 9.07 41.00
C VAL C 219 5.54 9.62 42.14
N GLU C 220 4.92 9.67 43.32
CA GLU C 220 5.50 10.26 44.53
C GLU C 220 5.75 9.19 45.59
N PRO C 221 6.73 9.45 46.47
CA PRO C 221 7.06 8.55 47.58
C PRO C 221 5.91 8.35 48.57
N SER D 2 3.48 -30.67 11.44
CA SER D 2 3.88 -32.08 11.20
C SER D 2 4.05 -32.40 9.71
N ALA D 3 3.62 -33.59 9.30
CA ALA D 3 4.11 -34.22 8.08
C ALA D 3 5.61 -34.48 8.22
N LEU D 4 6.43 -33.44 8.44
CA LEU D 4 7.84 -33.69 8.79
C LEU D 4 8.03 -33.63 10.31
N THR D 5 8.90 -34.51 10.84
CA THR D 5 9.05 -34.64 12.29
C THR D 5 10.49 -34.32 12.64
N GLN D 6 10.68 -33.42 13.59
CA GLN D 6 11.98 -32.98 14.06
C GLN D 6 12.01 -33.10 15.58
N PRO D 7 13.21 -33.23 16.16
CA PRO D 7 13.29 -33.19 17.62
C PRO D 7 12.97 -31.78 18.06
N PRO D 8 12.21 -31.63 19.15
CA PRO D 8 11.91 -30.27 19.58
C PRO D 8 13.14 -29.46 20.01
N ALA D 9 14.24 -30.12 20.41
CA ALA D 9 15.39 -29.42 21.00
C ALA D 9 16.71 -30.13 20.64
N VAL D 10 17.75 -29.34 20.40
CA VAL D 10 19.10 -29.84 20.29
C VAL D 10 20.01 -28.85 21.00
N SER D 11 21.16 -29.31 21.51
CA SER D 11 22.08 -28.36 22.13
C SER D 11 23.53 -28.75 21.86
N GLY D 12 24.43 -27.80 22.05
CA GLY D 12 25.85 -28.05 21.93
C GLY D 12 26.65 -26.91 22.48
N THR D 13 27.96 -27.14 22.60
CA THR D 13 28.83 -26.09 23.03
C THR D 13 29.46 -25.44 21.87
N PRO D 14 29.97 -24.21 22.07
CA PRO D 14 30.66 -23.48 21.00
C PRO D 14 31.78 -24.36 20.45
N GLY D 15 31.82 -24.49 19.12
CA GLY D 15 32.71 -25.43 18.43
C GLY D 15 32.28 -26.89 18.28
N GLN D 16 31.28 -27.35 19.01
CA GLN D 16 30.80 -28.72 18.83
C GLN D 16 30.13 -28.92 17.46
N ARG D 17 30.04 -30.16 16.99
CA ARG D 17 29.19 -30.45 15.84
C ARG D 17 27.77 -30.85 16.29
N VAL D 18 26.73 -30.21 15.74
CA VAL D 18 25.37 -30.62 16.11
C VAL D 18 24.58 -31.01 14.88
N THR D 19 23.70 -31.97 15.04
CA THR D 19 22.90 -32.41 13.92
C THR D 19 21.44 -32.33 14.30
N ILE D 20 20.60 -32.04 13.31
CA ILE D 20 19.14 -31.96 13.50
C ILE D 20 18.47 -32.83 12.45
N SER D 21 17.66 -33.78 12.89
CA SER D 21 17.06 -34.73 11.97
C SER D 21 15.68 -34.27 11.57
N CYS D 22 15.21 -34.83 10.46
CA CYS D 22 13.91 -34.53 9.90
C CYS D 22 13.33 -35.80 9.28
N SER D 23 12.31 -36.38 9.90
CA SER D 23 11.64 -37.57 9.32
C SER D 23 10.39 -37.21 8.54
N GLY D 24 10.30 -37.73 7.31
CA GLY D 24 9.16 -37.56 6.45
C GLY D 24 8.58 -38.89 5.95
N SER D 25 8.09 -38.88 4.73
CA SER D 25 7.37 -40.01 4.17
C SER D 25 7.71 -40.05 2.69
N ASP D 26 7.19 -41.04 1.97
CA ASP D 26 7.46 -41.15 0.54
C ASP D 26 6.91 -39.97 -0.24
N SER D 27 5.78 -39.41 0.21
CA SER D 27 5.11 -38.35 -0.57
C SER D 27 5.81 -36.99 -0.46
N ASN D 28 6.71 -36.84 0.50
CA ASN D 28 7.53 -35.62 0.59
C ASN D 28 9.04 -35.89 0.46
N ILE D 29 9.72 -36.10 1.58
CA ILE D 29 11.18 -36.24 1.56
C ILE D 29 11.58 -37.36 0.58
N GLY D 30 10.82 -38.44 0.61
CA GLY D 30 11.06 -39.57 -0.28
C GLY D 30 11.29 -39.14 -1.73
N ARG D 31 10.34 -38.37 -2.25
CA ARG D 31 10.34 -38.05 -3.67
C ARG D 31 10.60 -36.59 -3.97
N ARG D 32 10.78 -35.76 -2.94
CA ARG D 32 11.07 -34.35 -3.20
C ARG D 32 12.28 -33.80 -2.42
N SER D 33 12.76 -32.64 -2.89
CA SER D 33 13.96 -31.98 -2.33
C SER D 33 13.65 -31.29 -1.00
N VAL D 34 14.62 -31.27 -0.10
CA VAL D 34 14.46 -30.64 1.24
C VAL D 34 15.07 -29.24 1.34
N ASN D 35 14.39 -28.28 2.01
CA ASN D 35 14.93 -26.95 2.28
C ASN D 35 14.98 -26.81 3.78
N TRP D 36 15.94 -26.05 4.29
CA TRP D 36 16.04 -25.82 5.70
C TRP D 36 16.02 -24.31 5.94
N TYR D 37 15.37 -23.88 7.02
CA TYR D 37 15.28 -22.48 7.36
C TYR D 37 15.75 -22.27 8.81
N GLN D 38 16.35 -21.11 9.07
CA GLN D 38 16.79 -20.72 10.42
C GLN D 38 15.93 -19.51 10.82
N GLN D 39 15.46 -19.46 12.06
CA GLN D 39 14.62 -18.32 12.48
C GLN D 39 15.01 -17.86 13.89
N PHE D 40 15.34 -16.60 14.01
CA PHE D 40 15.53 -15.98 15.33
C PHE D 40 14.21 -15.39 15.81
N PRO D 41 14.02 -15.30 17.12
CA PRO D 41 12.69 -14.95 17.64
C PRO D 41 12.20 -13.60 17.14
N GLY D 42 10.93 -13.55 16.72
CA GLY D 42 10.37 -12.29 16.23
C GLY D 42 10.90 -11.75 14.91
N THR D 43 11.60 -12.56 14.14
CA THR D 43 12.14 -12.09 12.88
C THR D 43 11.75 -13.14 11.83
N ALA D 44 11.85 -12.82 10.55
CA ALA D 44 11.45 -13.81 9.55
C ALA D 44 12.51 -14.90 9.41
N PRO D 45 12.10 -16.08 8.97
CA PRO D 45 13.04 -17.15 8.67
C PRO D 45 14.02 -16.75 7.56
N LYS D 46 15.14 -17.45 7.54
CA LYS D 46 16.19 -17.33 6.49
C LYS D 46 16.43 -18.66 5.87
N LEU D 47 16.57 -18.70 4.54
CA LEU D 47 16.88 -19.94 3.86
C LEU D 47 18.36 -20.33 4.15
N LEU D 48 18.56 -21.55 4.66
CA LEU D 48 19.90 -22.04 4.98
C LEU D 48 20.44 -23.08 3.98
N ILE D 49 19.59 -24.01 3.56
CA ILE D 49 19.97 -25.07 2.61
C ILE D 49 18.80 -25.27 1.66
N TYR D 50 19.05 -25.55 0.39
CA TYR D 50 17.98 -25.88 -0.54
C TYR D 50 18.41 -27.05 -1.42
N SER D 51 17.47 -27.65 -2.14
CA SER D 51 17.77 -28.88 -2.88
C SER D 51 18.59 -29.91 -2.09
N ASN D 52 18.21 -30.16 -0.84
CA ASN D 52 18.84 -31.19 0.01
C ASN D 52 20.15 -30.77 0.62
N ASP D 53 21.04 -30.21 -0.19
CA ASP D 53 22.44 -30.06 0.23
C ASP D 53 23.12 -28.84 -0.27
N GLN D 54 22.37 -28.03 -0.99
CA GLN D 54 22.91 -26.77 -1.53
C GLN D 54 22.81 -25.61 -0.58
N ARG D 55 23.83 -24.75 -0.59
CA ARG D 55 23.95 -23.66 0.39
C ARG D 55 24.00 -22.33 -0.31
N PRO D 56 23.11 -21.39 0.06
CA PRO D 56 23.21 -20.04 -0.48
C PRO D 56 24.55 -19.45 -0.19
N SER D 57 24.99 -18.55 -1.06
CA SER D 57 26.35 -18.06 -0.99
C SER D 57 26.59 -17.33 0.31
N VAL D 58 25.54 -16.69 0.83
CA VAL D 58 25.66 -15.92 2.07
C VAL D 58 25.68 -16.79 3.38
N VAL D 59 25.37 -18.07 3.26
CA VAL D 59 25.33 -18.98 4.43
C VAL D 59 26.70 -19.63 4.69
N PRO D 60 27.24 -19.50 5.93
CA PRO D 60 28.55 -20.09 6.27
C PRO D 60 28.63 -21.57 5.93
N ASP D 61 29.83 -22.02 5.57
CA ASP D 61 30.01 -23.39 5.17
C ASP D 61 29.93 -24.39 6.32
N ARG D 62 29.87 -23.93 7.57
CA ARG D 62 29.61 -24.82 8.71
C ARG D 62 28.22 -25.46 8.67
N PHE D 63 27.36 -24.93 7.81
CA PHE D 63 26.03 -25.54 7.65
C PHE D 63 26.00 -26.49 6.46
N SER D 64 25.52 -27.71 6.68
CA SER D 64 25.40 -28.63 5.57
C SER D 64 24.16 -29.49 5.73
N GLY D 65 23.61 -29.95 4.59
CA GLY D 65 22.46 -30.80 4.68
C GLY D 65 22.60 -32.06 3.88
N SER D 66 21.84 -33.07 4.25
CA SER D 66 21.82 -34.29 3.47
C SER D 66 20.44 -34.97 3.55
N LYS D 67 20.19 -35.91 2.64
CA LYS D 67 18.90 -36.60 2.55
C LYS D 67 19.13 -38.09 2.25
N SER D 68 18.54 -38.97 3.04
CA SER D 68 18.57 -40.37 2.67
C SER D 68 17.26 -41.04 2.98
N GLY D 69 16.71 -41.67 1.94
CA GLY D 69 15.44 -42.32 2.09
C GLY D 69 14.42 -41.24 2.30
N THR D 70 13.67 -41.36 3.38
CA THR D 70 12.62 -40.41 3.67
C THR D 70 13.03 -39.58 4.89
N SER D 71 14.34 -39.41 5.04
CA SER D 71 14.91 -38.69 6.17
C SER D 71 15.84 -37.59 5.68
N ALA D 72 16.06 -36.58 6.52
CA ALA D 72 17.02 -35.54 6.16
C ALA D 72 17.73 -35.06 7.41
N SER D 73 18.87 -34.47 7.21
CA SER D 73 19.66 -34.04 8.34
C SER D 73 20.36 -32.72 8.05
N LEU D 74 20.33 -31.83 9.03
CA LEU D 74 21.08 -30.61 8.93
C LEU D 74 22.23 -30.74 9.90
N ALA D 75 23.44 -30.47 9.45
CA ALA D 75 24.61 -30.47 10.35
C ALA D 75 25.23 -29.08 10.46
N ILE D 76 25.54 -28.69 11.71
CA ILE D 76 26.20 -27.43 11.94
C ILE D 76 27.56 -27.83 12.54
N SER D 77 28.61 -27.70 11.74
CA SER D 77 29.96 -28.02 12.24
C SER D 77 30.34 -26.78 12.99
N GLY D 78 31.20 -26.91 13.99
CA GLY D 78 31.75 -25.74 14.67
C GLY D 78 30.75 -24.71 15.19
N LEU D 79 29.84 -25.17 16.04
CA LEU D 79 28.76 -24.31 16.56
C LEU D 79 29.23 -22.98 17.08
N GLN D 80 28.55 -21.92 16.68
CA GLN D 80 28.83 -20.57 17.17
C GLN D 80 27.66 -20.09 17.98
N SER D 81 27.92 -19.13 18.88
CA SER D 81 26.86 -18.62 19.72
C SER D 81 25.71 -18.02 18.89
N GLU D 82 26.05 -17.45 17.74
CA GLU D 82 25.00 -16.78 16.96
C GLU D 82 24.08 -17.79 16.29
N ASP D 83 24.37 -19.09 16.43
CA ASP D 83 23.53 -20.13 15.82
C ASP D 83 22.34 -20.51 16.68
N GLU D 84 22.24 -19.98 17.88
CA GLU D 84 21.07 -20.28 18.70
C GLU D 84 19.82 -19.68 18.01
N ALA D 85 18.89 -20.54 17.64
CA ALA D 85 17.76 -20.17 16.80
C ALA D 85 16.83 -21.36 16.66
N GLU D 86 15.67 -21.15 16.02
CA GLU D 86 14.81 -22.28 15.65
C GLU D 86 15.18 -22.75 14.22
N TYR D 87 15.17 -24.06 13.94
CA TYR D 87 15.49 -24.56 12.61
C TYR D 87 14.31 -25.37 12.09
N TYR D 88 13.93 -25.11 10.85
CA TYR D 88 12.83 -25.85 10.21
C TYR D 88 13.28 -26.56 8.96
N CYS D 89 12.89 -27.81 8.83
CA CYS D 89 13.02 -28.48 7.54
C CYS D 89 11.70 -28.30 6.74
N ALA D 90 11.75 -28.48 5.43
CA ALA D 90 10.56 -28.26 4.58
C ALA D 90 10.70 -29.03 3.28
N ALA D 91 9.58 -29.38 2.67
CA ALA D 91 9.61 -30.03 1.35
C ALA D 91 8.25 -29.90 0.74
N TRP D 92 8.13 -30.01 -0.57
CA TRP D 92 6.81 -30.18 -1.17
C TRP D 92 6.28 -31.59 -0.89
N ASP D 93 4.98 -31.69 -0.70
CA ASP D 93 4.33 -32.99 -0.50
C ASP D 93 3.37 -33.26 -1.65
N ASP D 94 3.63 -34.35 -2.40
CA ASP D 94 2.81 -34.64 -3.56
C ASP D 94 1.43 -35.23 -3.25
N SER D 95 1.17 -35.60 -2.01
CA SER D 95 -0.17 -36.08 -1.69
C SER D 95 -1.04 -34.94 -1.26
N LEU D 96 -0.50 -34.06 -0.44
CA LEU D 96 -1.23 -32.86 -0.04
C LEU D 96 -1.25 -31.82 -1.12
N LYS D 97 -0.41 -31.99 -2.15
CA LYS D 97 -0.20 -30.97 -3.17
C LYS D 97 0.09 -29.61 -2.51
N GLY D 98 1.05 -29.58 -1.59
CA GLY D 98 1.36 -28.31 -0.93
C GLY D 98 2.69 -28.37 -0.21
N ALA D 99 3.22 -27.22 0.21
CA ALA D 99 4.45 -27.20 0.88
C ALA D 99 4.22 -27.62 2.35
N VAL D 100 5.13 -28.41 2.90
CA VAL D 100 5.06 -28.78 4.30
C VAL D 100 6.35 -28.42 5.04
N PHE D 101 6.23 -28.30 6.36
CA PHE D 101 7.33 -27.92 7.23
C PHE D 101 7.42 -28.90 8.40
N GLY D 102 8.63 -29.10 8.94
CA GLY D 102 8.73 -29.77 10.22
C GLY D 102 8.24 -28.87 11.34
N GLY D 103 8.11 -29.44 12.53
CA GLY D 103 7.59 -28.69 13.66
C GLY D 103 8.59 -27.70 14.25
N GLY D 104 9.84 -27.78 13.82
CA GLY D 104 10.85 -26.86 14.29
C GLY D 104 11.71 -27.51 15.41
N THR D 105 13.00 -27.18 15.40
CA THR D 105 13.94 -27.56 16.48
C THR D 105 14.59 -26.32 17.10
N GLN D 106 14.48 -26.18 18.40
CA GLN D 106 15.14 -25.10 19.12
C GLN D 106 16.57 -25.54 19.44
N LEU D 107 17.53 -24.78 18.95
CA LEU D 107 18.96 -25.09 19.23
C LEU D 107 19.42 -24.20 20.33
N THR D 108 19.99 -24.77 21.38
CA THR D 108 20.51 -23.97 22.48
C THR D 108 22.03 -24.06 22.47
N VAL D 109 22.74 -22.94 22.59
CA VAL D 109 24.21 -23.03 22.67
C VAL D 109 24.52 -23.06 24.14
N LEU D 110 25.13 -24.15 24.59
CA LEU D 110 25.39 -24.31 26.01
C LEU D 110 26.53 -23.41 26.48
N GLY D 111 26.57 -23.17 27.79
CA GLY D 111 27.72 -22.50 28.38
C GLY D 111 27.49 -21.12 28.95
N GLN D 112 26.27 -20.62 28.76
CA GLN D 112 25.97 -19.28 29.25
C GLN D 112 25.70 -19.35 30.75
N PRO D 113 26.25 -18.39 31.48
CA PRO D 113 26.19 -18.36 32.94
C PRO D 113 24.78 -18.20 33.50
N LYS D 114 24.44 -18.97 34.52
CA LYS D 114 23.18 -18.77 35.24
C LYS D 114 23.11 -17.38 35.84
N ALA D 115 21.91 -16.81 35.86
CA ALA D 115 21.69 -15.51 36.49
C ALA D 115 20.37 -15.57 37.26
N ALA D 116 20.43 -15.24 38.56
CA ALA D 116 19.26 -15.29 39.41
C ALA D 116 18.36 -14.09 39.15
N PRO D 117 17.04 -14.27 39.33
CA PRO D 117 16.06 -13.19 39.12
C PRO D 117 16.10 -12.05 40.16
N SER D 118 16.23 -10.80 39.69
CA SER D 118 15.89 -9.62 40.48
C SER D 118 14.36 -9.53 40.62
N VAL D 119 13.84 -9.41 41.85
CA VAL D 119 12.41 -9.21 42.02
C VAL D 119 12.08 -7.85 42.63
N THR D 120 11.00 -7.22 42.15
CA THR D 120 10.41 -6.03 42.78
C THR D 120 8.92 -6.28 42.94
N LEU D 121 8.39 -6.01 44.13
CA LEU D 121 6.97 -6.21 44.39
C LEU D 121 6.30 -4.92 44.88
N PHE D 122 5.35 -4.42 44.09
CA PHE D 122 4.63 -3.22 44.46
C PHE D 122 3.28 -3.57 45.05
N PRO D 123 2.92 -2.91 46.16
CA PRO D 123 1.58 -3.09 46.77
C PRO D 123 0.58 -2.24 46.00
N PRO D 124 -0.73 -2.49 46.20
CA PRO D 124 -1.79 -1.67 45.61
C PRO D 124 -1.60 -0.19 45.91
N SER D 125 -1.80 0.66 44.91
CA SER D 125 -1.71 2.11 45.12
C SER D 125 -3.00 2.61 45.79
N SER D 126 -2.90 3.76 46.45
CA SER D 126 -4.05 4.29 47.16
C SER D 126 -5.16 4.65 46.17
N GLU D 127 -4.77 5.28 45.07
CA GLU D 127 -5.70 5.61 44.00
C GLU D 127 -6.57 4.41 43.62
N GLU D 128 -5.93 3.25 43.50
CA GLU D 128 -6.62 2.07 42.99
C GLU D 128 -7.61 1.51 44.03
N LEU D 129 -7.21 1.56 45.30
CA LEU D 129 -8.11 1.16 46.39
C LEU D 129 -9.39 1.99 46.36
N GLN D 130 -9.23 3.30 46.13
CA GLN D 130 -10.34 4.24 46.00
C GLN D 130 -11.26 3.86 44.84
N ALA D 131 -10.69 3.25 43.81
CA ALA D 131 -11.50 2.77 42.71
C ALA D 131 -11.97 1.35 42.98
N ASN D 132 -11.86 0.93 44.24
CA ASN D 132 -12.39 -0.34 44.71
C ASN D 132 -11.77 -1.58 44.05
N LYS D 133 -10.51 -1.44 43.63
CA LYS D 133 -9.72 -2.57 43.13
C LYS D 133 -8.38 -2.61 43.89
N ALA D 134 -7.72 -3.76 43.88
CA ALA D 134 -6.35 -3.84 44.38
C ALA D 134 -5.49 -4.79 43.53
N THR D 135 -4.33 -4.28 43.08
CA THR D 135 -3.41 -5.12 42.30
C THR D 135 -2.01 -5.21 42.86
N LEU D 136 -1.56 -6.44 43.12
CA LEU D 136 -0.17 -6.69 43.47
C LEU D 136 0.66 -7.01 42.24
N VAL D 137 1.72 -6.21 42.06
CA VAL D 137 2.55 -6.23 40.87
C VAL D 137 3.95 -6.76 41.18
N CYS D 138 4.26 -7.95 40.65
CA CYS D 138 5.54 -8.59 40.88
C CYS D 138 6.37 -8.62 39.60
N LEU D 139 7.45 -7.85 39.59
CA LEU D 139 8.30 -7.71 38.42
C LEU D 139 9.62 -8.50 38.48
N ILE D 140 9.77 -9.46 37.57
CA ILE D 140 10.93 -10.35 37.60
C ILE D 140 11.87 -10.08 36.45
N SER D 141 13.17 -9.88 36.73
CA SER D 141 14.06 -9.47 35.67
C SER D 141 15.44 -10.12 35.77
N ASP D 142 16.19 -10.05 34.68
CA ASP D 142 17.58 -10.52 34.67
C ASP D 142 17.82 -11.97 35.12
N PHE D 143 16.94 -12.90 34.74
CA PHE D 143 17.24 -14.31 35.00
C PHE D 143 17.65 -15.07 33.74
N TYR D 144 18.39 -16.15 33.95
CA TYR D 144 18.82 -17.07 32.90
C TYR D 144 19.19 -18.41 33.54
N PRO D 145 18.75 -19.53 32.93
CA PRO D 145 17.91 -19.67 31.71
C PRO D 145 16.51 -19.04 31.88
N GLY D 146 15.78 -18.88 30.77
CA GLY D 146 14.55 -18.08 30.75
C GLY D 146 13.27 -18.80 31.16
N ALA D 147 13.27 -19.37 32.34
CA ALA D 147 12.11 -20.09 32.81
C ALA D 147 12.02 -20.00 34.33
N VAL D 148 11.00 -19.30 34.82
CA VAL D 148 10.72 -19.21 36.25
C VAL D 148 9.33 -19.74 36.55
N THR D 149 9.08 -20.07 37.80
CA THR D 149 7.72 -20.32 38.23
C THR D 149 7.40 -19.36 39.40
N VAL D 150 6.12 -19.00 39.54
CA VAL D 150 5.72 -17.96 40.49
C VAL D 150 4.65 -18.46 41.45
N ALA D 151 4.92 -18.32 42.75
CA ALA D 151 3.95 -18.66 43.78
C ALA D 151 3.59 -17.42 44.59
N TRP D 152 2.31 -17.21 44.84
CA TRP D 152 1.90 -16.08 45.66
C TRP D 152 1.48 -16.55 47.06
N LYS D 153 1.89 -15.78 48.08
CA LYS D 153 1.61 -16.11 49.48
C LYS D 153 0.70 -15.11 50.19
N ALA D 154 -0.47 -15.57 50.61
CA ALA D 154 -1.38 -14.79 51.44
C ALA D 154 -1.12 -15.13 52.91
N ASP D 155 -0.53 -14.19 53.64
CA ASP D 155 0.13 -14.51 54.92
C ASP D 155 1.17 -15.58 54.63
N SER D 156 0.85 -16.83 54.95
CA SER D 156 1.72 -17.95 54.60
C SER D 156 1.01 -19.03 53.79
N SER D 157 -0.27 -18.80 53.48
CA SER D 157 -1.02 -19.72 52.65
C SER D 157 -0.91 -19.41 51.15
N PRO D 158 -0.95 -20.45 50.31
CA PRO D 158 -0.94 -20.30 48.85
C PRO D 158 -2.30 -19.82 48.35
N VAL D 159 -2.28 -18.72 47.60
CA VAL D 159 -3.48 -18.23 46.94
C VAL D 159 -3.78 -19.12 45.74
N LYS D 160 -5.06 -19.41 45.50
CA LYS D 160 -5.44 -20.20 44.35
C LYS D 160 -6.42 -19.44 43.45
N ALA D 161 -6.21 -18.14 43.27
CA ALA D 161 -7.09 -17.30 42.46
C ALA D 161 -6.51 -15.92 42.13
N GLY D 162 -6.88 -15.40 40.97
CA GLY D 162 -6.52 -14.04 40.59
C GLY D 162 -5.05 -13.82 40.29
N VAL D 163 -4.33 -14.92 40.10
CA VAL D 163 -2.93 -14.86 39.70
C VAL D 163 -2.82 -14.97 38.18
N GLU D 164 -2.23 -13.94 37.58
CA GLU D 164 -1.97 -13.97 36.15
C GLU D 164 -0.51 -13.61 35.91
N THR D 165 0.21 -14.52 35.26
CA THR D 165 1.64 -14.37 35.02
C THR D 165 2.01 -14.49 33.53
N THR D 166 2.86 -13.59 33.04
CA THR D 166 3.23 -13.57 31.62
C THR D 166 4.19 -14.70 31.32
N THR D 167 4.39 -14.97 30.03
CA THR D 167 5.48 -15.82 29.60
C THR D 167 6.79 -15.07 29.80
N PRO D 168 7.91 -15.80 29.90
CA PRO D 168 9.22 -15.15 29.95
C PRO D 168 9.59 -14.53 28.62
N SER D 169 10.21 -13.36 28.67
CA SER D 169 10.66 -12.66 27.47
C SER D 169 12.12 -12.24 27.56
N LYS D 170 12.82 -12.32 26.44
CA LYS D 170 14.25 -12.02 26.42
C LYS D 170 14.51 -10.52 26.45
N GLN D 171 15.35 -10.08 27.39
CA GLN D 171 15.75 -8.68 27.50
C GLN D 171 16.88 -8.39 26.55
N SER D 172 17.24 -7.12 26.43
CA SER D 172 18.35 -6.73 25.58
C SER D 172 19.66 -7.38 26.03
N ASN D 173 19.77 -7.68 27.32
CA ASN D 173 21.01 -8.25 27.84
C ASN D 173 21.02 -9.78 27.77
N ASN D 174 20.16 -10.32 26.92
CA ASN D 174 20.08 -11.77 26.71
C ASN D 174 19.65 -12.58 27.92
N LYS D 175 19.28 -11.90 29.00
CA LYS D 175 18.62 -12.56 30.12
C LYS D 175 17.13 -12.35 29.94
N TYR D 176 16.32 -12.91 30.83
CA TYR D 176 14.87 -12.86 30.67
C TYR D 176 14.11 -12.04 31.71
N ALA D 177 12.88 -11.66 31.35
CA ALA D 177 12.01 -10.93 32.27
C ALA D 177 10.63 -11.56 32.23
N ALA D 178 9.93 -11.48 33.34
CA ALA D 178 8.52 -11.86 33.39
C ALA D 178 7.79 -10.88 34.31
N SER D 179 6.49 -11.07 34.47
CA SER D 179 5.76 -10.30 35.49
C SER D 179 4.51 -11.08 35.90
N SER D 180 4.12 -10.95 37.16
CA SER D 180 2.96 -11.66 37.63
C SER D 180 2.08 -10.71 38.40
N TYR D 181 0.77 -10.87 38.23
CA TYR D 181 -0.18 -9.94 38.78
C TYR D 181 -1.14 -10.66 39.72
N LEU D 182 -1.31 -10.08 40.92
CA LEU D 182 -2.28 -10.58 41.89
C LEU D 182 -3.44 -9.59 42.05
N SER D 183 -4.64 -10.10 41.80
CA SER D 183 -5.82 -9.24 41.85
C SER D 183 -6.68 -9.59 43.05
N LEU D 184 -6.91 -8.60 43.90
CA LEU D 184 -7.64 -8.79 45.14
C LEU D 184 -8.62 -7.65 45.38
N THR D 185 -9.70 -7.98 46.09
CA THR D 185 -10.62 -6.97 46.62
C THR D 185 -9.88 -6.21 47.71
N PRO D 186 -10.11 -4.88 47.81
CA PRO D 186 -9.50 -4.07 48.87
C PRO D 186 -9.71 -4.70 50.25
N GLU D 187 -10.81 -5.43 50.41
CA GLU D 187 -11.09 -6.15 51.65
C GLU D 187 -10.11 -7.30 51.87
N GLN D 188 -9.78 -8.03 50.81
CA GLN D 188 -8.79 -9.11 50.92
C GLN D 188 -7.39 -8.57 51.21
N TRP D 189 -7.11 -7.39 50.68
CA TRP D 189 -5.86 -6.67 50.97
C TRP D 189 -5.79 -6.21 52.43
N LYS D 190 -6.94 -5.86 53.01
CA LYS D 190 -6.99 -5.52 54.44
C LYS D 190 -7.05 -6.79 55.29
N SER D 191 -7.71 -7.81 54.74
CA SER D 191 -8.00 -9.04 55.48
C SER D 191 -6.75 -9.78 55.97
N HIS D 192 -5.60 -9.50 55.37
CA HIS D 192 -4.35 -10.18 55.74
C HIS D 192 -3.24 -9.18 56.08
N ARG D 193 -2.21 -9.64 56.78
CA ARG D 193 -1.17 -8.74 57.27
C ARG D 193 0.02 -8.76 56.34
N SER D 194 0.11 -9.81 55.52
CA SER D 194 1.24 -9.98 54.63
C SER D 194 0.90 -10.69 53.34
N TYR D 195 1.40 -10.13 52.23
CA TYR D 195 1.34 -10.80 50.94
C TYR D 195 2.76 -10.95 50.38
N SER D 196 3.01 -12.09 49.75
CA SER D 196 4.35 -12.41 49.24
C SER D 196 4.40 -13.03 47.83
N CYS D 197 5.29 -12.51 46.98
CA CYS D 197 5.55 -13.09 45.66
C CYS D 197 6.77 -14.01 45.73
N GLN D 198 6.58 -15.30 45.41
CA GLN D 198 7.67 -16.28 45.42
C GLN D 198 8.08 -16.70 44.01
N VAL D 199 9.30 -16.35 43.62
CA VAL D 199 9.82 -16.71 42.30
C VAL D 199 10.92 -17.76 42.40
N THR D 200 10.63 -18.99 41.99
CA THR D 200 11.63 -20.06 41.97
C THR D 200 12.34 -20.21 40.60
N HIS D 201 13.66 -20.19 40.59
CA HIS D 201 14.45 -20.24 39.35
C HIS D 201 15.61 -21.22 39.50
N GLU D 202 15.53 -22.35 38.79
CA GLU D 202 16.51 -23.45 38.93
C GLU D 202 16.63 -23.89 40.40
N GLY D 203 15.51 -24.28 40.99
CA GLY D 203 15.50 -24.78 42.36
C GLY D 203 15.49 -23.72 43.45
N SER D 204 16.35 -22.71 43.29
CA SER D 204 16.46 -21.62 44.26
C SER D 204 15.27 -20.62 44.16
N THR D 205 14.78 -20.15 45.30
CA THR D 205 13.61 -19.28 45.37
C THR D 205 13.93 -17.86 45.85
N VAL D 206 13.59 -16.87 45.04
CA VAL D 206 13.68 -15.47 45.45
C VAL D 206 12.32 -15.02 46.00
N GLU D 207 12.34 -14.22 47.06
CA GLU D 207 11.12 -13.79 47.74
C GLU D 207 11.10 -12.27 47.94
N LYS D 208 9.90 -11.69 47.83
CA LYS D 208 9.64 -10.34 48.32
C LYS D 208 8.25 -10.31 48.94
N THR D 209 8.02 -9.30 49.75
CA THR D 209 6.81 -9.21 50.55
C THR D 209 6.40 -7.74 50.72
N VAL D 210 5.10 -7.50 50.77
CA VAL D 210 4.57 -6.18 51.13
C VAL D 210 3.46 -6.31 52.17
N ALA D 211 3.34 -5.30 53.02
CA ALA D 211 2.32 -5.28 54.07
C ALA D 211 1.40 -4.06 53.94
N PRO D 212 0.08 -4.28 54.09
CA PRO D 212 -0.92 -3.19 54.05
C PRO D 212 -0.87 -2.29 55.28
#